data_9C3U
#
_entry.id   9C3U
#
_cell.length_a   137.728
_cell.length_b   137.728
_cell.length_c   167.315
_cell.angle_alpha   90.00
_cell.angle_beta   90.00
_cell.angle_gamma   90.00
#
_symmetry.space_group_name_H-M   'I 41'
#
loop_
_entity.id
_entity.type
_entity.pdbx_description
1 polymer Methyltransferase
2 polymer DNA1
3 polymer DNA2
4 branched beta-D-fructofuranose-(2-1)-alpha-D-glucopyranose
5 non-polymer SINEFUNGIN
6 water water
#
loop_
_entity_poly.entity_id
_entity_poly.type
_entity_poly.pdbx_seq_one_letter_code
_entity_poly.pdbx_strand_id
1 'polypeptide(L)'
;LPSGIELHNRDFLTDAAHLPDASIDLIVADPPYGLGKDYGNDSDKRSGDDFLAWTREWLELAIPKLKPSGSMYIFCTWQY
APEIFSFLKTQLTMVNEIIWDRRVPSMGGTTRRFTSVHDNIGFFAVSRAYYFDLDPVRIPYDADTKKARSRKLFEGSKWL
EMGYNPKDVWSVSRLHRQHAERVDHPTQKPLEIIERMVLASCPPGGRVLDPFMGSGTTAVACARQGRDFVGYEINESYCA
IAHERVNAL
;
A,B,C,D
2 'polydeoxyribonucleotide' (DT)(DT)(DG)(DT)(DT)(DT)(DA)(DC)(DT)(DA)(DG)(DC)(DC)(DA) E,G,I,K
3 'polydeoxyribonucleotide' (DA)(DT)(DG)(DG)(DC)(DT)(DA)(DG)(DT)(DA)(DA)(DA)(DC)(DA) F,H,J,L
#
# COMPACT_ATOMS: atom_id res chain seq x y z
N LEU A 1 -26.00 15.94 27.26
CA LEU A 1 -24.54 15.85 27.35
C LEU A 1 -24.11 14.44 27.75
N PRO A 2 -23.07 13.87 27.10
CA PRO A 2 -22.70 12.48 27.34
C PRO A 2 -22.01 12.14 28.63
N SER A 3 -21.59 10.87 28.73
CA SER A 3 -20.90 10.39 29.94
C SER A 3 -19.45 10.87 29.92
N GLY A 4 -19.03 11.57 30.96
CA GLY A 4 -17.63 12.02 31.05
C GLY A 4 -17.48 13.40 30.47
N ILE A 5 -18.58 14.01 30.04
CA ILE A 5 -18.41 15.32 29.40
C ILE A 5 -18.90 16.36 30.39
N GLU A 6 -17.97 17.13 30.94
CA GLU A 6 -18.25 18.10 32.01
C GLU A 6 -17.91 19.49 31.51
N LEU A 7 -18.90 20.37 31.51
CA LEU A 7 -18.73 21.76 31.07
C LEU A 7 -19.03 22.69 32.24
N HIS A 8 -17.99 23.34 32.76
CA HIS A 8 -18.11 24.23 33.92
C HIS A 8 -17.84 25.66 33.46
N ASN A 9 -18.86 26.51 33.51
CA ASN A 9 -18.68 27.95 33.29
C ASN A 9 -18.15 28.53 34.59
N ARG A 10 -16.87 28.29 34.85
CA ARG A 10 -16.24 28.76 36.07
C ARG A 10 -14.80 29.14 35.79
N ASP A 11 -14.32 30.17 36.48
CA ASP A 11 -12.90 30.52 36.45
C ASP A 11 -12.08 29.32 36.92
N PHE A 12 -11.16 28.86 36.05
CA PHE A 12 -10.41 27.64 36.34
C PHE A 12 -9.59 27.78 37.61
N LEU A 13 -9.05 28.97 37.87
CA LEU A 13 -8.12 29.13 38.98
C LEU A 13 -8.82 29.01 40.32
N THR A 14 -10.06 29.50 40.42
CA THR A 14 -10.81 29.36 41.66
C THR A 14 -11.33 27.95 41.83
N ASP A 15 -11.73 27.31 40.73
CA ASP A 15 -12.38 26.01 40.77
C ASP A 15 -11.42 24.86 40.47
N ALA A 16 -10.13 25.14 40.34
CA ALA A 16 -9.16 24.05 40.20
C ALA A 16 -9.20 23.13 41.41
N ALA A 17 -9.29 23.71 42.61
CA ALA A 17 -9.32 22.91 43.83
C ALA A 17 -10.40 21.85 43.79
N HIS A 18 -11.53 22.16 43.14
CA HIS A 18 -12.62 21.20 43.02
C HIS A 18 -12.27 20.03 42.11
N LEU A 19 -11.10 20.03 41.49
CA LEU A 19 -10.68 18.90 40.68
C LEU A 19 -9.66 18.08 41.42
N PRO A 20 -9.83 16.75 41.48
CA PRO A 20 -8.88 15.92 42.24
C PRO A 20 -7.50 15.93 41.62
N ASP A 21 -6.49 15.93 42.49
CA ASP A 21 -5.11 15.88 42.03
C ASP A 21 -4.76 14.48 41.54
N ALA A 22 -3.88 14.42 40.53
CA ALA A 22 -3.49 13.18 39.89
C ALA A 22 -4.72 12.41 39.39
N SER A 23 -5.57 13.11 38.64
CA SER A 23 -6.81 12.53 38.14
C SER A 23 -7.10 12.90 36.69
N ILE A 24 -6.14 13.44 35.96
CA ILE A 24 -6.33 13.82 34.57
C ILE A 24 -5.21 13.22 33.72
N ASP A 25 -5.58 12.56 32.63
CA ASP A 25 -4.58 11.90 31.78
C ASP A 25 -3.91 12.88 30.81
N LEU A 26 -4.60 13.94 30.41
CA LEU A 26 -4.05 14.84 29.40
C LEU A 26 -4.67 16.21 29.56
N ILE A 27 -3.83 17.26 29.49
CA ILE A 27 -4.30 18.63 29.55
C ILE A 27 -4.08 19.26 28.18
N VAL A 28 -5.18 19.66 27.55
CA VAL A 28 -5.15 20.43 26.31
C VAL A 28 -5.31 21.90 26.71
N ALA A 29 -4.21 22.61 26.83
CA ALA A 29 -4.21 23.98 27.33
C ALA A 29 -4.01 24.93 26.17
N ASP A 30 -5.09 25.58 25.74
CA ASP A 30 -4.99 26.71 24.83
C ASP A 30 -5.36 27.98 25.58
N PRO A 31 -4.43 28.55 26.35
CA PRO A 31 -4.75 29.70 27.18
C PRO A 31 -4.63 30.98 26.37
N PRO A 32 -5.02 32.12 26.94
CA PRO A 32 -4.71 33.40 26.30
C PRO A 32 -3.23 33.53 26.04
N TYR A 33 -2.88 34.01 24.85
CA TYR A 33 -1.49 34.20 24.46
C TYR A 33 -0.88 35.48 25.02
N GLY A 34 -1.70 36.38 25.55
CA GLY A 34 -1.21 37.70 25.90
C GLY A 34 -1.07 38.62 24.70
N LEU A 35 -1.99 38.53 23.75
CA LEU A 35 -1.91 39.28 22.51
C LEU A 35 -2.98 40.37 22.39
N GLY A 36 -3.64 40.71 23.49
CA GLY A 36 -4.60 41.80 23.47
C GLY A 36 -5.89 41.52 22.73
N LYS A 37 -6.37 40.27 22.75
CA LYS A 37 -7.60 39.93 22.08
C LYS A 37 -8.79 40.15 22.99
N ASP A 38 -9.98 40.20 22.38
CA ASP A 38 -11.23 40.42 23.09
C ASP A 38 -11.93 39.07 23.23
N TYR A 39 -11.73 38.43 24.38
CA TYR A 39 -12.44 37.21 24.74
C TYR A 39 -13.73 37.50 25.51
N ASN A 41 -13.55 39.55 27.96
CA ASN A 41 -13.01 39.84 29.29
C ASN A 41 -11.58 40.34 29.12
N ASP A 42 -10.85 40.38 30.23
CA ASP A 42 -9.49 40.91 30.27
C ASP A 42 -8.44 39.82 30.25
N SER A 43 -8.81 38.60 29.89
CA SER A 43 -7.90 37.46 30.04
C SER A 43 -6.69 37.58 29.12
N ASP A 44 -6.88 38.05 27.90
CA ASP A 44 -5.79 38.19 26.94
C ASP A 44 -5.24 39.61 26.89
N LYS A 45 -5.58 40.45 27.86
CA LYS A 45 -5.12 41.84 27.89
C LYS A 45 -3.92 42.02 28.81
N ARG A 46 -3.23 40.94 29.15
CA ARG A 46 -2.06 40.96 30.01
C ARG A 46 -0.81 40.74 29.17
N SER A 47 0.28 41.39 29.57
CA SER A 47 1.48 41.39 28.75
C SER A 47 2.72 41.40 29.62
N GLY A 48 3.81 40.85 29.07
CA GLY A 48 5.09 40.90 29.75
C GLY A 48 5.13 40.02 30.98
N ASP A 49 5.81 40.53 32.01
CA ASP A 49 5.97 39.76 33.24
C ASP A 49 4.65 39.55 33.97
N ASP A 50 3.69 40.47 33.79
CA ASP A 50 2.35 40.24 34.34
C ASP A 50 1.74 38.98 33.75
N PHE A 51 1.75 38.87 32.42
CA PHE A 51 1.20 37.70 31.76
C PHE A 51 1.98 36.45 32.13
N LEU A 52 3.31 36.55 32.24
CA LEU A 52 4.09 35.38 32.62
C LEU A 52 3.76 34.92 34.02
N ALA A 53 3.57 35.86 34.95
CA ALA A 53 3.17 35.53 36.31
C ALA A 53 1.82 34.82 36.33
N TRP A 54 0.84 35.35 35.59
CA TRP A 54 -0.47 34.72 35.56
C TRP A 54 -0.42 33.33 34.93
N THR A 55 0.38 33.19 33.86
CA THR A 55 0.57 31.90 33.22
C THR A 55 1.11 30.88 34.21
N ARG A 56 2.20 31.22 34.89
CA ARG A 56 2.72 30.36 35.94
C ARG A 56 1.66 30.06 36.99
N GLU A 57 0.86 31.06 37.35
CA GLU A 57 -0.10 30.89 38.44
C GLU A 57 -1.11 29.81 38.09
N TRP A 58 -1.66 29.83 36.87
CA TRP A 58 -2.62 28.79 36.51
C TRP A 58 -1.92 27.46 36.23
N LEU A 59 -0.64 27.50 35.80
CA LEU A 59 0.07 26.26 35.53
C LEU A 59 0.37 25.49 36.82
N GLU A 60 0.76 26.19 37.88
CA GLU A 60 1.00 25.50 39.15
C GLU A 60 -0.27 24.94 39.75
N LEU A 61 -1.44 25.39 39.28
CA LEU A 61 -2.69 24.79 39.72
C LEU A 61 -3.04 23.58 38.87
N ALA A 62 -2.74 23.63 37.57
CA ALA A 62 -3.10 22.52 36.69
C ALA A 62 -2.13 21.35 36.77
N ILE A 63 -0.84 21.62 37.01
CA ILE A 63 0.16 20.55 37.01
C ILE A 63 -0.14 19.45 38.02
N PRO A 64 -0.45 19.74 39.30
CA PRO A 64 -0.65 18.65 40.27
C PRO A 64 -1.80 17.72 39.91
N LYS A 65 -2.75 18.17 39.11
CA LYS A 65 -3.88 17.33 38.70
C LYS A 65 -3.50 16.31 37.65
N LEU A 66 -2.24 16.29 37.21
CA LEU A 66 -1.78 15.30 36.26
C LEU A 66 -1.40 14.01 36.97
N LYS A 67 -1.81 12.88 36.38
CA LYS A 67 -1.39 11.59 36.89
C LYS A 67 0.08 11.35 36.52
N PRO A 68 0.74 10.40 37.21
CA PRO A 68 2.12 10.05 36.85
C PRO A 68 2.33 9.70 35.38
N SER A 69 1.27 9.28 34.68
CA SER A 69 1.37 8.94 33.28
C SER A 69 0.89 10.06 32.36
N GLY A 70 0.55 11.23 32.92
CA GLY A 70 -0.07 12.27 32.13
C GLY A 70 0.89 13.05 31.27
N SER A 71 0.31 13.75 30.29
CA SER A 71 1.05 14.63 29.40
C SER A 71 0.22 15.90 29.17
N MET A 72 0.85 16.88 28.53
CA MET A 72 0.22 18.19 28.39
C MET A 72 0.67 18.88 27.12
N TYR A 73 -0.30 19.46 26.40
CA TYR A 73 -0.05 20.32 25.26
C TYR A 73 -0.48 21.74 25.62
N ILE A 74 0.42 22.69 25.48
CA ILE A 74 0.12 24.09 25.78
C ILE A 74 0.34 24.94 24.54
N PHE A 75 -0.66 25.72 24.17
CA PHE A 75 -0.55 26.67 23.08
C PHE A 75 0.06 27.97 23.56
N CYS A 76 0.84 28.61 22.70
CA CYS A 76 1.46 29.89 23.03
C CYS A 76 1.99 30.52 21.75
N THR A 77 2.34 31.80 21.86
CA THR A 77 3.01 32.52 20.79
C THR A 77 4.51 32.51 21.03
N TRP A 78 5.26 32.70 19.95
CA TRP A 78 6.71 32.75 20.05
C TRP A 78 7.17 33.89 20.95
N GLN A 79 6.35 34.93 21.10
CA GLN A 79 6.72 36.08 21.90
C GLN A 79 6.90 35.74 23.37
N TYR A 80 6.26 34.67 23.84
CA TYR A 80 6.39 34.24 25.22
C TYR A 80 6.85 32.79 25.36
N ALA A 81 6.91 32.04 24.26
CA ALA A 81 7.18 30.60 24.34
C ALA A 81 8.50 30.26 25.02
N PRO A 82 9.63 30.92 24.72
CA PRO A 82 10.87 30.56 25.43
C PRO A 82 10.73 30.61 26.95
N GLU A 83 10.06 31.62 27.49
CA GLU A 83 9.99 31.77 28.95
C GLU A 83 9.03 30.75 29.55
N ILE A 84 7.83 30.61 28.99
CA ILE A 84 6.87 29.63 29.51
C ILE A 84 7.45 28.22 29.43
N PHE A 85 8.10 27.89 28.31
CA PHE A 85 8.70 26.58 28.16
C PHE A 85 9.87 26.38 29.13
N SER A 86 10.69 27.42 29.31
CA SER A 86 11.79 27.33 30.25
C SER A 86 11.30 27.12 31.68
N PHE A 87 10.14 27.70 32.02
CA PHE A 87 9.58 27.44 33.33
C PHE A 87 9.04 26.01 33.43
N LEU A 88 8.31 25.57 32.40
CA LEU A 88 7.70 24.25 32.46
C LEU A 88 8.74 23.14 32.45
N LYS A 89 9.92 23.40 31.89
CA LYS A 89 10.97 22.38 31.91
C LYS A 89 11.48 22.10 33.32
N THR A 90 11.29 23.04 34.25
CA THR A 90 11.67 22.80 35.63
C THR A 90 10.68 21.90 36.35
N GLN A 91 9.41 21.92 35.93
CA GLN A 91 8.37 21.12 36.56
C GLN A 91 8.18 19.76 35.88
N LEU A 92 8.20 19.73 34.56
CA LEU A 92 7.99 18.51 33.78
C LEU A 92 9.09 18.40 32.73
N THR A 93 9.07 17.30 31.98
CA THR A 93 10.01 17.07 30.90
C THR A 93 9.34 17.36 29.56
N MET A 94 10.07 18.03 28.68
CA MET A 94 9.54 18.38 27.36
C MET A 94 9.74 17.22 26.40
N VAL A 95 8.65 16.64 25.93
CA VAL A 95 8.72 15.58 24.95
C VAL A 95 8.83 16.14 23.54
N ASN A 96 8.13 17.24 23.24
CA ASN A 96 8.15 17.77 21.90
C ASN A 96 7.84 19.26 21.90
N GLU A 97 8.25 19.92 20.81
CA GLU A 97 7.76 21.24 20.45
C GLU A 97 7.08 21.10 19.10
N ILE A 98 5.75 21.31 19.09
CA ILE A 98 4.97 21.13 17.84
C ILE A 98 4.63 22.51 17.27
N ILE A 99 4.79 22.68 15.95
CA ILE A 99 4.52 24.00 15.30
C ILE A 99 3.23 23.90 14.49
N TRP A 100 2.22 24.65 14.90
CA TRP A 100 0.99 24.69 14.08
C TRP A 100 1.22 25.69 12.98
N ASP A 101 1.58 25.20 11.81
CA ASP A 101 1.66 26.06 10.64
C ASP A 101 0.24 26.32 10.18
N ARG A 102 -0.27 27.49 10.54
CA ARG A 102 -1.64 27.88 10.21
C ARG A 102 -1.82 28.23 8.73
N ARG A 103 -0.79 27.94 7.93
CA ARG A 103 -0.83 28.30 6.47
CA ARG A 103 -0.83 28.30 6.48
C ARG A 103 -1.24 29.76 6.04
N VAL A 104 -2.23 30.24 6.80
CA VAL A 104 -2.70 31.60 6.56
C VAL A 104 -2.00 32.54 7.54
N PRO A 105 -1.35 33.60 7.05
CA PRO A 105 -0.57 34.46 7.94
C PRO A 105 -1.43 35.53 8.60
N SER A 106 -0.96 36.00 9.75
CA SER A 106 -1.59 37.13 10.41
C SER A 106 -1.45 38.39 9.57
N MET A 107 -2.51 39.17 9.52
CA MET A 107 -2.52 40.42 8.75
C MET A 107 -2.17 41.58 9.67
N GLY A 108 -2.02 42.75 9.08
CA GLY A 108 -1.67 43.94 9.82
C GLY A 108 -1.09 45.02 8.92
N GLY A 109 -0.25 44.63 7.97
CA GLY A 109 0.39 45.56 7.08
C GLY A 109 1.87 45.76 7.32
N THR A 110 2.50 44.92 8.15
CA THR A 110 3.91 45.12 8.47
C THR A 110 4.81 44.74 7.31
N THR A 111 5.98 45.37 7.28
CA THR A 111 7.04 45.01 6.34
C THR A 111 8.40 44.92 7.01
N ARG A 112 8.44 45.12 8.32
CA ARG A 112 9.73 45.18 9.06
C ARG A 112 10.07 43.83 9.68
N ARG A 113 9.30 42.80 9.36
CA ARG A 113 9.50 41.47 9.94
C ARG A 113 8.72 40.47 9.11
N PHE A 114 9.06 39.20 9.28
CA PHE A 114 8.33 38.11 8.66
C PHE A 114 7.00 37.90 9.37
N THR A 115 5.92 37.75 8.61
CA THR A 115 4.59 37.65 9.20
C THR A 115 4.40 36.36 9.97
N SER A 116 3.60 36.44 11.03
CA SER A 116 3.34 35.27 11.88
C SER A 116 2.40 34.31 11.16
N VAL A 117 2.81 33.06 11.06
CA VAL A 117 1.94 32.04 10.41
C VAL A 117 1.81 30.90 11.42
N HIS A 118 2.75 30.79 12.36
CA HIS A 118 2.79 29.60 13.25
C HIS A 118 2.56 29.83 14.75
N ASP A 119 1.94 28.85 15.41
CA ASP A 119 1.78 28.85 16.86
C ASP A 119 2.66 27.78 17.48
N ASN A 120 3.19 28.08 18.67
CA ASN A 120 4.06 27.15 19.37
C ASN A 120 3.22 26.30 20.32
N ILE A 121 3.56 25.02 20.40
CA ILE A 121 2.84 24.06 21.23
C ILE A 121 3.89 23.27 22.02
N GLY A 122 3.86 23.42 23.34
CA GLY A 122 4.73 22.64 24.19
C GLY A 122 4.11 21.32 24.58
N PHE A 123 4.79 20.22 24.27
CA PHE A 123 4.35 18.87 24.62
C PHE A 123 5.25 18.38 25.75
N PHE A 124 4.69 18.36 26.96
CA PHE A 124 5.39 18.00 28.18
C PHE A 124 4.79 16.72 28.75
N ALA A 125 5.54 16.11 29.67
CA ALA A 125 5.09 14.89 30.34
C ALA A 125 5.55 14.93 31.79
N VAL A 126 4.74 14.34 32.67
CA VAL A 126 5.10 14.27 34.08
C VAL A 126 6.36 13.44 34.27
N SER A 127 6.33 12.23 33.69
CA SER A 127 7.45 11.28 33.85
C SER A 127 7.78 10.62 32.52
N ARG A 128 8.80 9.76 32.50
CA ARG A 128 9.24 9.11 31.25
C ARG A 128 8.32 7.93 30.93
N ALA A 129 7.40 7.62 31.83
CA ALA A 129 6.42 6.54 31.56
C ALA A 129 5.11 7.18 31.14
N TYR A 130 5.20 8.34 30.51
CA TYR A 130 3.95 8.96 29.96
C TYR A 130 3.35 8.05 28.91
N TYR A 131 2.04 8.21 28.66
CA TYR A 131 1.36 7.38 27.64
C TYR A 131 1.47 8.05 26.28
N PHE A 132 1.93 7.28 25.30
CA PHE A 132 1.97 7.82 23.92
C PHE A 132 1.64 6.69 22.97
N ASP A 133 0.59 6.89 22.19
CA ASP A 133 0.19 5.91 21.20
C ASP A 133 0.10 6.59 19.84
N LEU A 134 0.96 6.18 18.91
CA LEU A 134 1.00 6.80 17.59
C LEU A 134 -0.04 6.20 16.64
N ASP A 135 -0.30 4.90 16.73
CA ASP A 135 -1.19 4.23 15.79
C ASP A 135 -2.51 4.96 15.53
N PRO A 136 -3.20 5.55 16.52
CA PRO A 136 -4.44 6.27 16.20
C PRO A 136 -4.24 7.53 15.38
N VAL A 137 -3.04 8.13 15.40
CA VAL A 137 -2.81 9.40 14.73
C VAL A 137 -1.92 9.28 13.51
N ARG A 138 -1.51 8.06 13.13
CA ARG A 138 -0.74 7.90 11.91
C ARG A 138 -1.55 8.38 10.70
N ILE A 139 -0.84 8.91 9.71
CA ILE A 139 -1.45 9.47 8.52
C ILE A 139 -1.23 8.50 7.37
N PRO A 140 -2.27 8.01 6.70
CA PRO A 140 -2.06 7.01 5.66
C PRO A 140 -1.65 7.63 4.33
N TYR A 141 -0.84 6.88 3.60
CA TYR A 141 -0.51 7.26 2.23
C TYR A 141 -1.66 6.89 1.30
N ASP A 142 -2.05 7.82 0.43
CA ASP A 142 -2.94 7.46 -0.65
C ASP A 142 -2.20 6.58 -1.65
N ALA A 143 -2.92 6.10 -2.66
CA ALA A 143 -2.30 5.16 -3.62
C ALA A 143 -1.09 5.78 -4.31
N ASP A 144 -1.19 7.05 -4.72
CA ASP A 144 -0.08 7.68 -5.42
C ASP A 144 1.08 7.99 -4.48
N THR A 145 0.78 8.53 -3.30
CA THR A 145 1.86 8.77 -2.35
C THR A 145 2.47 7.45 -1.88
N LYS A 146 1.64 6.41 -1.75
CA LYS A 146 2.15 5.07 -1.47
C LYS A 146 3.15 4.62 -2.53
N LYS A 147 2.72 4.64 -3.80
CA LYS A 147 3.62 4.13 -4.87
C LYS A 147 4.91 4.98 -4.90
N ALA A 148 4.85 6.24 -4.47
CA ALA A 148 6.06 7.08 -4.58
C ALA A 148 7.06 6.73 -3.48
N ARG A 149 6.56 6.48 -2.28
CA ARG A 149 7.47 6.24 -1.14
C ARG A 149 7.87 4.77 -1.02
N SER A 150 7.17 3.86 -1.70
CA SER A 150 7.47 2.43 -1.48
C SER A 150 8.77 2.02 -2.14
N ARG A 151 9.65 1.39 -1.38
CA ARG A 151 10.86 0.78 -1.95
C ARG A 151 11.10 -0.55 -1.26
N LYS A 152 11.83 -1.45 -1.95
CA LYS A 152 12.13 -2.74 -1.32
C LYS A 152 13.14 -2.56 -0.03
N LEU A 153 13.45 -1.32 0.35
CA LEU A 153 14.07 -1.18 1.65
C LEU A 153 13.01 -0.95 2.73
N PHE A 154 11.84 -0.45 2.32
CA PHE A 154 10.81 -0.01 3.24
C PHE A 154 9.58 -0.92 3.23
N GLU A 155 9.51 -1.89 2.33
CA GLU A 155 8.29 -2.67 2.16
C GLU A 155 7.98 -3.46 3.42
N GLY A 156 6.81 -3.19 4.01
CA GLY A 156 6.42 -3.80 5.26
C GLY A 156 6.65 -2.93 6.48
N SER A 157 7.24 -1.75 6.30
CA SER A 157 7.50 -0.88 7.44
C SER A 157 6.21 -0.27 7.96
N LYS A 158 6.14 -0.11 9.29
CA LYS A 158 4.93 0.40 9.92
C LYS A 158 4.58 1.79 9.41
N TRP A 159 5.59 2.63 9.16
CA TRP A 159 5.33 3.97 8.67
C TRP A 159 4.80 3.95 7.23
N LEU A 160 5.17 2.94 6.46
CA LEU A 160 4.71 2.85 5.07
C LEU A 160 3.29 2.30 4.99
N GLU A 161 3.02 1.20 5.68
CA GLU A 161 1.76 0.50 5.50
C GLU A 161 0.63 1.12 6.31
N MET A 162 0.88 1.41 7.59
CA MET A 162 -0.17 1.99 8.43
C MET A 162 -0.22 3.50 8.34
N GLY A 163 0.93 4.16 8.40
CA GLY A 163 0.93 5.62 8.24
C GLY A 163 2.16 6.26 8.83
N TYR A 164 2.44 7.52 8.46
CA TYR A 164 3.70 8.17 8.91
C TYR A 164 3.44 9.03 10.15
N ASN A 165 4.51 9.39 10.84
CA ASN A 165 4.39 10.24 12.05
C ASN A 165 3.98 11.63 11.61
N PRO A 166 2.97 12.23 12.26
CA PRO A 166 2.59 13.60 11.95
C PRO A 166 3.71 14.62 11.97
N LYS A 167 4.84 14.32 12.63
CA LYS A 167 6.02 15.23 12.73
C LYS A 167 5.70 16.40 13.68
N ASP A 168 6.72 17.16 14.09
CA ASP A 168 6.47 18.25 15.03
C ASP A 168 6.13 19.57 14.35
N VAL A 169 5.78 19.56 13.07
CA VAL A 169 5.11 20.70 12.45
C VAL A 169 3.84 20.16 11.80
N TRP A 170 2.70 20.67 12.21
CA TRP A 170 1.40 20.27 11.68
C TRP A 170 0.93 21.40 10.78
N SER A 171 0.88 21.12 9.47
CA SER A 171 0.47 22.12 8.48
C SER A 171 -1.01 21.97 8.24
N VAL A 172 -1.81 22.78 8.94
CA VAL A 172 -3.27 22.75 8.83
C VAL A 172 -3.76 24.19 8.80
N SER A 173 -4.65 24.49 7.85
CA SER A 173 -5.12 25.85 7.68
C SER A 173 -6.04 26.27 8.83
N ARG A 174 -5.97 27.56 9.15
CA ARG A 174 -6.82 28.11 10.22
C ARG A 174 -8.26 28.09 9.75
N LEU A 175 -9.18 28.03 10.70
CA LEU A 175 -10.59 27.98 10.37
C LEU A 175 -11.07 29.33 9.86
N HIS A 176 -11.45 29.39 8.59
CA HIS A 176 -12.08 30.58 8.03
C HIS A 176 -13.37 30.89 8.78
N ARG A 177 -13.74 32.18 8.79
CA ARG A 177 -14.96 32.57 9.48
C ARG A 177 -16.18 31.86 8.91
N GLN A 178 -16.16 31.52 7.62
CA GLN A 178 -17.27 30.84 7.00
C GLN A 178 -17.10 29.33 6.98
N HIS A 179 -15.95 28.81 7.41
CA HIS A 179 -15.75 27.37 7.51
C HIS A 179 -16.89 26.73 8.28
N ALA A 180 -17.23 25.50 7.89
CA ALA A 180 -18.29 24.77 8.58
C ALA A 180 -17.99 24.62 10.07
N GLU A 181 -16.71 24.40 10.41
CA GLU A 181 -16.32 24.25 11.80
C GLU A 181 -16.45 25.54 12.60
N ARG A 182 -16.42 26.69 11.94
CA ARG A 182 -16.30 27.95 12.65
C ARG A 182 -17.57 28.28 13.44
N VAL A 183 -17.37 28.81 14.65
CA VAL A 183 -18.45 29.30 15.49
C VAL A 183 -18.15 30.74 15.89
N ASP A 184 -18.88 31.27 16.86
CA ASP A 184 -18.70 32.66 17.30
C ASP A 184 -17.59 32.78 18.34
N HIS A 185 -16.40 32.33 17.97
CA HIS A 185 -15.23 32.47 18.82
C HIS A 185 -14.08 33.10 18.05
N PRO A 186 -13.34 34.00 18.67
CA PRO A 186 -12.27 34.71 17.96
C PRO A 186 -11.09 33.82 17.57
N THR A 187 -10.60 33.03 18.52
CA THR A 187 -9.42 32.21 18.29
C THR A 187 -9.74 30.72 18.36
N GLN A 188 -10.56 30.24 17.44
CA GLN A 188 -10.91 28.83 17.41
C GLN A 188 -9.71 28.00 16.97
N LYS A 189 -9.78 26.69 17.25
CA LYS A 189 -8.71 25.78 16.89
C LYS A 189 -9.26 24.64 16.05
N PRO A 190 -8.53 24.21 15.03
CA PRO A 190 -9.01 23.12 14.17
C PRO A 190 -9.19 21.83 14.96
N LEU A 191 -10.30 21.14 14.69
CA LEU A 191 -10.57 19.86 15.34
C LEU A 191 -9.50 18.83 15.00
N GLU A 192 -8.91 18.91 13.81
CA GLU A 192 -7.84 18.01 13.41
C GLU A 192 -6.72 18.00 14.45
N ILE A 193 -6.25 19.18 14.83
CA ILE A 193 -5.10 19.31 15.72
C ILE A 193 -5.43 18.73 17.10
N ILE A 194 -6.48 19.29 17.72
CA ILE A 194 -6.89 18.88 19.06
C ILE A 194 -7.16 17.38 19.09
N GLU A 195 -7.80 16.85 18.06
CA GLU A 195 -8.10 15.43 18.02
C GLU A 195 -6.83 14.59 17.93
N ARG A 196 -5.84 15.05 17.14
CA ARG A 196 -4.57 14.34 17.08
C ARG A 196 -3.97 14.21 18.47
N MET A 197 -3.88 15.33 19.19
CA MET A 197 -3.30 15.28 20.53
C MET A 197 -4.10 14.39 21.47
N VAL A 198 -5.43 14.53 21.46
CA VAL A 198 -6.29 13.73 22.32
C VAL A 198 -6.09 12.24 22.06
N LEU A 199 -5.98 11.85 20.79
CA LEU A 199 -5.78 10.44 20.48
C LEU A 199 -4.40 9.97 20.84
N ALA A 200 -3.39 10.83 20.73
CA ALA A 200 -2.02 10.37 20.91
C ALA A 200 -1.59 10.33 22.37
N SER A 201 -2.32 10.98 23.30
CA SER A 201 -1.79 10.96 24.65
C SER A 201 -2.82 10.71 25.75
N CYS A 202 -4.02 10.23 25.42
CA CYS A 202 -4.97 9.91 26.46
C CYS A 202 -5.68 8.59 26.19
N PRO A 203 -5.66 7.64 27.13
CA PRO A 203 -6.29 6.34 26.86
C PRO A 203 -7.75 6.53 26.52
N PRO A 204 -8.33 5.61 25.74
CA PRO A 204 -9.78 5.63 25.53
C PRO A 204 -10.52 5.62 26.87
N GLY A 205 -11.51 6.50 26.97
CA GLY A 205 -12.27 6.65 28.22
C GLY A 205 -11.47 7.41 29.25
N GLY A 206 -10.37 8.04 28.83
CA GLY A 206 -9.48 8.71 29.79
C GLY A 206 -9.95 10.12 30.06
N ARG A 207 -9.30 10.82 30.99
CA ARG A 207 -9.77 12.16 31.38
C ARG A 207 -8.88 13.23 30.74
N VAL A 208 -9.51 14.19 30.06
CA VAL A 208 -8.75 15.29 29.42
C VAL A 208 -9.25 16.60 30.05
N LEU A 209 -8.32 17.43 30.52
CA LEU A 209 -8.71 18.71 31.14
C LEU A 209 -8.39 19.87 30.19
N ASP A 210 -9.32 20.79 30.03
CA ASP A 210 -9.08 22.01 29.27
C ASP A 210 -9.36 23.18 30.19
N PRO A 211 -8.32 23.77 30.80
CA PRO A 211 -8.54 24.89 31.73
C PRO A 211 -9.17 26.11 31.07
N PHE A 212 -8.98 26.29 29.76
CA PHE A 212 -9.50 27.44 29.02
C PHE A 212 -10.16 26.90 27.75
N MET A 213 -11.39 26.40 27.90
CA MET A 213 -11.98 25.55 26.88
C MET A 213 -12.61 26.35 25.75
N GLY A 214 -13.19 27.50 26.07
CA GLY A 214 -13.80 28.33 25.04
C GLY A 214 -14.95 27.67 24.34
N SER A 215 -14.73 27.27 23.08
CA SER A 215 -15.79 26.75 22.23
C SER A 215 -16.06 25.26 22.44
N GLY A 216 -15.36 24.61 23.37
CA GLY A 216 -15.51 23.17 23.50
C GLY A 216 -14.90 22.40 22.36
N THR A 217 -13.82 22.91 21.76
CA THR A 217 -13.14 22.18 20.69
C THR A 217 -12.57 20.87 21.22
N THR A 218 -11.85 20.93 22.33
CA THR A 218 -11.43 19.70 23.00
C THR A 218 -12.62 18.90 23.50
N ALA A 219 -13.70 19.58 23.86
CA ALA A 219 -14.92 18.87 24.28
C ALA A 219 -15.48 18.03 23.14
N VAL A 220 -15.57 18.62 21.94
CA VAL A 220 -16.00 17.86 20.79
C VAL A 220 -15.01 16.73 20.49
N ALA A 221 -13.72 17.03 20.57
CA ALA A 221 -12.70 16.03 20.27
C ALA A 221 -12.78 14.84 21.22
N CYS A 222 -13.23 15.07 22.46
CA CYS A 222 -13.38 13.99 23.42
C CYS A 222 -14.74 13.31 23.32
N ALA A 223 -15.77 14.01 22.85
CA ALA A 223 -17.08 13.41 22.61
C ALA A 223 -16.94 12.27 21.63
N ARG A 224 -16.61 12.57 20.38
CA ARG A 224 -16.11 11.54 19.49
C ARG A 224 -14.78 11.04 20.01
N GLN A 225 -14.32 9.91 19.46
CA GLN A 225 -13.08 9.28 19.86
C GLN A 225 -13.17 8.74 21.30
N GLY A 226 -14.29 9.03 21.98
CA GLY A 226 -14.59 8.48 23.29
C GLY A 226 -13.78 8.68 24.56
N ARG A 227 -13.62 9.94 24.98
CA ARG A 227 -12.75 10.27 26.09
C ARG A 227 -13.47 11.22 27.03
N ASP A 228 -13.20 11.09 28.32
CA ASP A 228 -13.80 11.95 29.32
C ASP A 228 -13.17 13.35 29.27
N PHE A 229 -13.93 14.34 29.72
CA PHE A 229 -13.49 15.72 29.54
C PHE A 229 -14.00 16.62 30.65
N VAL A 230 -13.10 17.52 31.10
CA VAL A 230 -13.51 18.59 32.07
C VAL A 230 -13.08 19.90 31.40
N GLY A 231 -13.98 20.88 31.32
CA GLY A 231 -13.75 22.14 30.66
C GLY A 231 -13.98 23.31 31.59
N TYR A 232 -13.26 24.40 31.32
CA TYR A 232 -13.46 25.63 32.09
C TYR A 232 -13.45 26.83 31.15
N GLU A 233 -14.56 27.55 31.10
CA GLU A 233 -14.65 28.79 30.33
C GLU A 233 -15.52 29.79 31.08
N ILE A 234 -14.97 30.98 31.34
CA ILE A 234 -15.71 31.99 32.10
C ILE A 234 -16.77 32.69 31.26
N ASN A 235 -16.68 32.65 29.94
CA ASN A 235 -17.63 33.34 29.08
C ASN A 235 -18.88 32.48 28.89
N GLU A 236 -20.03 33.05 29.22
CA GLU A 236 -21.28 32.30 29.14
C GLU A 236 -21.59 31.88 27.70
N SER A 237 -21.35 32.79 26.74
CA SER A 237 -21.67 32.48 25.36
C SER A 237 -20.78 31.38 24.81
N TYR A 238 -19.50 31.38 25.21
CA TYR A 238 -18.61 30.31 24.77
C TYR A 238 -19.04 28.96 25.34
N CYS A 239 -19.47 28.94 26.61
CA CYS A 239 -19.98 27.71 27.18
C CYS A 239 -21.26 27.25 26.49
N ALA A 240 -22.12 28.20 26.12
CA ALA A 240 -23.30 27.85 25.34
C ALA A 240 -22.91 27.19 24.03
N ILE A 241 -22.02 27.83 23.28
CA ILE A 241 -21.62 27.29 21.99
C ILE A 241 -20.93 25.94 22.16
N ALA A 242 -20.20 25.77 23.27
CA ALA A 242 -19.61 24.47 23.57
C ALA A 242 -20.69 23.42 23.75
N HIS A 243 -21.73 23.74 24.53
CA HIS A 243 -22.84 22.81 24.70
C HIS A 243 -23.44 22.42 23.35
N GLU A 244 -23.77 23.42 22.53
CA GLU A 244 -24.35 23.13 21.21
C GLU A 244 -23.42 22.27 20.37
N ARG A 245 -22.10 22.47 20.52
CA ARG A 245 -21.13 21.73 19.73
C ARG A 245 -21.04 20.28 20.19
N VAL A 246 -21.20 20.03 21.49
CA VAL A 246 -21.16 18.66 21.97
C VAL A 246 -22.53 17.98 21.93
N ASN A 247 -23.61 18.74 21.77
CA ASN A 247 -24.96 18.19 21.68
C ASN A 247 -25.45 18.07 20.24
N ALA A 248 -24.53 17.91 19.29
CA ALA A 248 -24.89 17.74 17.88
C ALA A 248 -24.06 16.65 17.22
N LEU A 249 -23.62 15.67 18.00
CA LEU A 249 -22.75 14.61 17.49
C LEU A 249 -23.44 13.26 17.52
N LEU B 1 40.80 34.17 -3.23
CA LEU B 1 39.62 34.61 -2.47
C LEU B 1 39.22 36.01 -2.89
N PRO B 2 37.92 36.26 -3.01
CA PRO B 2 37.44 37.57 -3.43
C PRO B 2 37.56 38.60 -2.31
N SER B 3 37.30 39.86 -2.66
CA SER B 3 37.47 40.95 -1.73
C SER B 3 36.22 41.10 -0.86
N GLY B 4 36.44 41.39 0.42
CA GLY B 4 35.36 41.51 1.38
C GLY B 4 34.92 40.22 2.02
N ILE B 5 35.27 39.08 1.44
CA ILE B 5 34.94 37.78 2.01
C ILE B 5 36.20 37.23 2.67
N GLU B 6 36.16 37.12 4.00
CA GLU B 6 37.29 36.68 4.79
C GLU B 6 36.95 35.34 5.43
N LEU B 7 37.87 34.39 5.34
CA LEU B 7 37.68 33.04 5.86
C LEU B 7 38.82 32.73 6.82
N HIS B 8 38.46 32.39 8.06
CA HIS B 8 39.44 32.14 9.11
C HIS B 8 39.27 30.72 9.64
N ASN B 9 40.39 29.98 9.71
CA ASN B 9 40.39 28.63 10.26
C ASN B 9 40.89 28.67 11.71
N ARG B 10 40.07 29.28 12.56
CA ARG B 10 40.41 29.46 13.97
C ARG B 10 39.16 29.22 14.80
N ASP B 11 39.34 29.26 16.12
CA ASP B 11 38.21 29.31 17.04
C ASP B 11 37.69 30.74 17.08
N PHE B 12 36.36 30.88 17.14
CA PHE B 12 35.77 32.22 17.17
C PHE B 12 36.00 32.90 18.52
N LEU B 13 35.60 32.22 19.60
CA LEU B 13 35.58 32.80 20.94
C LEU B 13 36.91 33.38 21.38
N THR B 14 37.97 33.12 20.62
CA THR B 14 39.32 33.51 20.98
C THR B 14 39.93 34.51 20.02
N ASP B 15 39.40 34.60 18.80
CA ASP B 15 39.75 35.65 17.86
C ASP B 15 38.79 36.82 17.91
N ALA B 16 37.81 36.79 18.83
CA ALA B 16 36.82 37.86 18.94
C ALA B 16 37.47 39.22 19.06
N ALA B 17 38.67 39.29 19.64
CA ALA B 17 39.41 40.54 19.74
C ALA B 17 39.65 41.16 18.37
N HIS B 18 40.12 40.34 17.42
CA HIS B 18 40.34 40.80 16.05
C HIS B 18 39.13 41.57 15.54
N LEU B 19 37.93 41.04 15.74
CA LEU B 19 36.76 41.69 15.21
C LEU B 19 36.55 43.04 15.91
N PRO B 20 36.28 44.13 15.19
CA PRO B 20 35.94 45.37 15.90
C PRO B 20 34.56 45.30 16.53
N ASP B 21 34.37 46.04 17.62
CA ASP B 21 33.06 46.18 18.21
C ASP B 21 32.20 47.12 17.36
N ALA B 22 30.98 46.69 17.04
CA ALA B 22 30.01 47.45 16.26
C ALA B 22 30.45 47.62 14.79
N SER B 23 30.92 46.52 14.18
CA SER B 23 31.32 46.53 12.79
C SER B 23 30.50 45.59 11.91
N ILE B 24 29.66 44.74 12.49
CA ILE B 24 28.97 43.67 11.77
C ILE B 24 27.51 44.07 11.57
N ASP B 25 27.07 44.10 10.31
CA ASP B 25 25.69 44.43 10.02
C ASP B 25 24.75 43.29 10.41
N LEU B 26 25.19 42.05 10.24
CA LEU B 26 24.32 40.90 10.41
C LEU B 26 25.13 39.69 10.83
N ILE B 27 24.65 38.98 11.84
CA ILE B 27 25.26 37.73 12.30
C ILE B 27 24.35 36.59 11.87
N VAL B 28 24.88 35.69 11.05
CA VAL B 28 24.17 34.47 10.67
C VAL B 28 24.85 33.29 11.36
N ALA B 29 24.37 32.93 12.55
CA ALA B 29 25.02 31.92 13.37
C ALA B 29 24.25 30.61 13.28
N ASP B 30 24.95 29.55 12.87
CA ASP B 30 24.42 28.19 12.88
C ASP B 30 25.30 27.39 13.84
N PRO B 31 25.03 27.48 15.14
CA PRO B 31 25.93 26.87 16.12
C PRO B 31 25.67 25.38 16.27
N PRO B 32 26.58 24.66 16.91
CA PRO B 32 26.28 23.29 17.33
C PRO B 32 25.01 23.26 18.17
N TYR B 33 24.08 22.37 17.80
CA TYR B 33 22.81 22.30 18.50
C TYR B 33 22.91 21.67 19.88
N GLY B 34 24.02 21.02 20.19
CA GLY B 34 24.10 20.20 21.39
C GLY B 34 23.38 18.88 21.16
N LEU B 35 23.82 18.15 20.13
CA LEU B 35 23.11 16.97 19.68
C LEU B 35 24.02 15.75 19.48
N GLY B 36 25.32 15.88 19.69
CA GLY B 36 26.22 14.76 19.56
C GLY B 36 26.77 14.52 18.18
N LYS B 37 26.68 15.50 17.28
CA LYS B 37 27.24 15.33 15.94
C LYS B 37 28.77 15.33 16.00
N ASP B 38 29.37 14.69 15.00
CA ASP B 38 30.83 14.64 14.88
C ASP B 38 31.24 15.56 13.73
N TYR B 39 31.67 16.76 14.07
CA TYR B 39 32.19 17.74 13.11
C TYR B 39 33.68 17.56 12.85
N GLY B 40 34.24 16.39 13.16
CA GLY B 40 35.67 16.28 13.31
C GLY B 40 36.18 16.81 14.62
N ASN B 41 35.30 17.27 15.50
CA ASN B 41 35.64 17.79 16.82
C ASN B 41 34.54 17.38 17.79
N ASP B 42 34.68 17.77 19.05
CA ASP B 42 33.71 17.46 20.08
C ASP B 42 32.95 18.68 20.57
N SER B 43 32.70 19.64 19.67
CA SER B 43 32.01 20.86 20.07
C SER B 43 30.51 20.60 20.29
N ASP B 44 29.92 19.72 19.49
CA ASP B 44 28.50 19.40 19.62
C ASP B 44 28.24 18.26 20.61
N LYS B 45 29.23 17.87 21.40
CA LYS B 45 29.02 16.87 22.43
C LYS B 45 28.58 17.46 23.76
N ARG B 46 28.70 18.78 23.91
CA ARG B 46 28.22 19.44 25.12
C ARG B 46 26.69 19.34 25.20
N SER B 47 26.18 19.24 26.42
CA SER B 47 24.75 19.16 26.65
C SER B 47 24.41 19.85 27.96
N GLY B 48 23.13 20.14 28.14
CA GLY B 48 22.65 20.73 29.38
C GLY B 48 23.30 22.07 29.67
N ASP B 49 23.64 22.26 30.95
CA ASP B 49 24.20 23.53 31.39
C ASP B 49 25.57 23.78 30.77
N ASP B 50 26.34 22.73 30.51
CA ASP B 50 27.59 22.87 29.76
C ASP B 50 27.35 23.58 28.44
N PHE B 51 26.44 23.01 27.63
CA PHE B 51 26.12 23.58 26.33
C PHE B 51 25.60 25.00 26.47
N LEU B 52 24.75 25.25 27.45
CA LEU B 52 24.10 26.56 27.54
C LEU B 52 25.08 27.65 28.00
N ALA B 53 25.95 27.32 28.95
CA ALA B 53 26.97 28.27 29.37
C ALA B 53 27.92 28.57 28.22
N TRP B 54 28.33 27.54 27.48
CA TRP B 54 29.17 27.76 26.30
C TRP B 54 28.46 28.64 25.27
N THR B 55 27.15 28.42 25.08
CA THR B 55 26.38 29.21 24.15
C THR B 55 26.35 30.68 24.56
N ARG B 56 26.02 30.91 25.84
CA ARG B 56 25.91 32.29 26.35
C ARG B 56 27.29 32.98 26.27
N GLU B 57 28.35 32.20 26.43
CA GLU B 57 29.69 32.77 26.34
C GLU B 57 29.98 33.29 24.94
N TRP B 58 29.87 32.42 23.93
CA TRP B 58 30.15 32.89 22.58
C TRP B 58 29.16 33.98 22.16
N LEU B 59 27.95 33.96 22.73
CA LEU B 59 26.99 35.01 22.44
C LEU B 59 27.42 36.35 23.03
N GLU B 60 27.92 36.33 24.28
CA GLU B 60 28.42 37.55 24.89
C GLU B 60 29.63 38.09 24.15
N LEU B 61 30.36 37.24 23.43
CA LEU B 61 31.43 37.76 22.59
C LEU B 61 30.93 38.29 21.25
N ALA B 62 29.89 37.66 20.68
CA ALA B 62 29.44 38.04 19.34
C ALA B 62 28.57 39.28 19.35
N ILE B 63 27.73 39.44 20.38
CA ILE B 63 26.78 40.57 20.42
C ILE B 63 27.46 41.93 20.26
N PRO B 64 28.53 42.25 21.00
CA PRO B 64 29.12 43.59 20.86
C PRO B 64 29.65 43.89 19.46
N LYS B 65 29.78 42.88 18.61
CA LYS B 65 30.30 43.10 17.26
C LYS B 65 29.25 43.66 16.32
N LEU B 66 27.98 43.71 16.76
CA LEU B 66 26.88 44.24 15.97
C LEU B 66 26.79 45.74 16.17
N LYS B 67 26.68 46.48 15.07
CA LYS B 67 26.42 47.90 15.14
C LYS B 67 24.96 48.12 15.52
N PRO B 68 24.52 49.33 15.94
CA PRO B 68 23.15 49.51 16.39
C PRO B 68 22.08 48.93 15.46
N SER B 69 22.24 49.11 14.15
CA SER B 69 21.26 48.62 13.16
C SER B 69 21.42 47.10 13.01
N GLY B 70 22.34 46.52 13.76
CA GLY B 70 22.67 45.09 13.61
C GLY B 70 21.53 44.16 13.89
N SER B 71 21.61 42.97 13.31
CA SER B 71 20.59 41.93 13.52
C SER B 71 21.32 40.58 13.64
N MET B 72 20.62 39.55 14.09
CA MET B 72 21.22 38.24 14.24
C MET B 72 20.17 37.15 14.05
N TYR B 73 20.52 36.14 13.26
CA TYR B 73 19.79 34.89 13.18
C TYR B 73 20.61 33.79 13.84
N ILE B 74 19.96 32.98 14.66
CA ILE B 74 20.65 31.91 15.37
C ILE B 74 19.86 30.61 15.22
N PHE B 75 20.51 29.57 14.70
CA PHE B 75 19.90 28.25 14.62
C PHE B 75 20.05 27.53 15.96
N CYS B 76 19.04 26.72 16.28
CA CYS B 76 19.07 25.91 17.49
C CYS B 76 17.99 24.84 17.39
N THR B 77 18.01 23.93 18.36
CA THR B 77 17.01 22.89 18.51
C THR B 77 15.99 23.28 19.56
N TRP B 78 14.81 22.68 19.45
CA TRP B 78 13.74 22.94 20.42
C TRP B 78 14.13 22.53 21.83
N GLN B 79 15.11 21.65 21.99
CA GLN B 79 15.48 21.15 23.33
C GLN B 79 16.19 22.25 24.11
N TYR B 80 16.80 23.19 23.41
CA TYR B 80 17.52 24.28 24.08
C TYR B 80 17.04 25.66 23.64
N ALA B 81 16.09 25.74 22.71
CA ALA B 81 15.61 27.04 22.24
C ALA B 81 14.98 27.88 23.34
N PRO B 82 14.12 27.35 24.22
CA PRO B 82 13.57 28.21 25.29
C PRO B 82 14.65 28.94 26.08
N GLU B 83 15.69 28.24 26.52
CA GLU B 83 16.71 28.85 27.34
C GLU B 83 17.55 29.86 26.55
N ILE B 84 17.99 29.48 25.35
CA ILE B 84 18.82 30.36 24.55
C ILE B 84 18.08 31.64 24.21
N PHE B 85 16.83 31.51 23.75
CA PHE B 85 16.02 32.68 23.43
C PHE B 85 15.73 33.52 24.66
N SER B 86 15.48 32.87 25.80
CA SER B 86 15.22 33.62 27.03
C SER B 86 16.43 34.44 27.44
N PHE B 87 17.63 33.87 27.30
CA PHE B 87 18.83 34.65 27.61
C PHE B 87 18.99 35.80 26.64
N LEU B 88 18.82 35.54 25.34
CA LEU B 88 19.08 36.57 24.35
C LEU B 88 18.08 37.71 24.44
N LYS B 89 16.86 37.43 24.91
CA LYS B 89 15.89 38.52 25.08
C LYS B 89 16.32 39.50 26.16
N THR B 90 17.19 39.09 27.08
CA THR B 90 17.74 40.01 28.07
C THR B 90 18.82 40.90 27.50
N GLN B 91 19.35 40.56 26.32
CA GLN B 91 20.40 41.35 25.67
C GLN B 91 19.84 42.17 24.51
N LEU B 92 19.26 41.45 23.57
CA LEU B 92 18.68 42.08 22.37
C LEU B 92 17.17 41.87 22.40
N THR B 93 16.45 42.47 21.46
CA THR B 93 15.01 42.30 21.33
C THR B 93 14.73 41.25 20.26
N MET B 94 13.77 40.37 20.54
CA MET B 94 13.37 39.36 19.57
C MET B 94 12.42 39.96 18.56
N VAL B 95 12.85 39.99 17.29
CA VAL B 95 11.96 40.43 16.22
C VAL B 95 11.12 39.26 15.73
N ASN B 96 11.73 38.08 15.60
CA ASN B 96 11.00 36.97 14.99
C ASN B 96 11.52 35.63 15.51
N GLU B 97 10.67 34.62 15.36
CA GLU B 97 11.03 33.23 15.59
C GLU B 97 10.72 32.47 14.30
N ILE B 98 11.75 32.24 13.50
CA ILE B 98 11.56 31.56 12.19
C ILE B 98 11.70 30.05 12.38
N ILE B 99 10.73 29.30 11.86
CA ILE B 99 10.78 27.82 11.96
C ILE B 99 11.24 27.27 10.60
N TRP B 100 12.37 26.57 10.58
CA TRP B 100 12.82 25.95 9.32
C TRP B 100 12.20 24.57 9.17
N ASP B 101 11.17 24.47 8.35
CA ASP B 101 10.58 23.18 8.03
C ASP B 101 11.52 22.48 7.06
N ARG B 102 12.33 21.55 7.58
CA ARG B 102 13.26 20.81 6.74
C ARG B 102 12.57 19.78 5.85
N ARG B 103 11.25 19.65 5.94
CA ARG B 103 10.44 18.81 5.06
C ARG B 103 10.70 17.32 5.25
N VAL B 104 11.95 16.95 5.41
CA VAL B 104 12.35 15.56 5.64
C VAL B 104 12.59 15.39 7.14
N PRO B 105 12.00 14.40 7.78
CA PRO B 105 12.11 14.27 9.24
C PRO B 105 13.36 13.52 9.68
N SER B 106 13.71 13.71 10.94
CA SER B 106 14.82 12.98 11.53
C SER B 106 14.47 11.50 11.66
N MET B 107 15.47 10.66 11.47
CA MET B 107 15.30 9.22 11.52
C MET B 107 15.84 8.66 12.83
N GLY B 108 15.44 7.43 13.14
CA GLY B 108 15.85 6.79 14.37
C GLY B 108 15.04 5.55 14.65
N GLY B 109 13.71 5.68 14.63
CA GLY B 109 12.84 4.53 14.82
C GLY B 109 11.90 4.68 16.00
N THR B 110 11.74 5.90 16.50
CA THR B 110 10.92 6.11 17.67
C THR B 110 9.43 6.01 17.34
N THR B 111 8.62 5.78 18.35
CA THR B 111 7.16 5.73 18.14
C THR B 111 6.54 6.38 19.36
N ARG B 112 7.38 6.90 20.25
CA ARG B 112 6.90 7.49 21.52
C ARG B 112 6.89 9.01 21.44
N ARG B 113 7.21 9.57 20.27
CA ARG B 113 7.27 11.03 20.12
C ARG B 113 6.86 11.46 18.72
N PHE B 114 6.90 12.75 18.41
CA PHE B 114 6.62 13.23 17.04
C PHE B 114 7.97 13.52 16.37
N THR B 115 8.26 12.86 15.25
CA THR B 115 9.56 13.00 14.55
C THR B 115 9.87 14.45 14.25
N SER B 116 11.15 14.84 14.29
CA SER B 116 11.54 16.25 14.10
C SER B 116 11.69 16.61 12.62
N VAL B 117 11.17 17.77 12.21
CA VAL B 117 11.34 18.25 10.81
C VAL B 117 11.14 19.74 11.04
N HIS B 118 11.76 20.23 12.13
CA HIS B 118 11.80 21.70 12.32
C HIS B 118 13.08 22.11 13.05
N ASP B 119 13.67 23.21 12.59
CA ASP B 119 14.81 23.78 13.35
C ASP B 119 14.42 25.20 13.72
N ASN B 120 14.78 25.66 14.91
CA ASN B 120 14.36 26.97 15.37
C ASN B 120 15.43 28.01 15.03
N ILE B 121 14.98 29.19 14.61
CA ILE B 121 15.88 30.30 14.29
C ILE B 121 15.38 31.52 15.04
N GLY B 122 16.23 32.07 15.89
CA GLY B 122 15.92 33.30 16.58
C GLY B 122 16.41 34.50 15.78
N PHE B 123 15.51 35.44 15.48
CA PHE B 123 15.81 36.68 14.77
C PHE B 123 15.73 37.79 15.82
N PHE B 124 16.90 38.26 16.25
CA PHE B 124 17.04 39.32 17.24
C PHE B 124 17.65 40.55 16.58
N ALA B 125 17.46 41.70 17.24
CA ALA B 125 18.01 42.96 16.77
C ALA B 125 18.50 43.77 17.96
N VAL B 126 19.55 44.56 17.72
CA VAL B 126 20.13 45.36 18.79
C VAL B 126 19.18 46.48 19.20
N SER B 127 18.74 47.27 18.23
CA SER B 127 17.84 48.39 18.47
C SER B 127 16.54 48.19 17.69
N ARG B 128 15.64 49.15 17.84
CA ARG B 128 14.40 49.13 17.08
C ARG B 128 14.58 49.71 15.68
N ALA B 129 15.70 50.40 15.43
CA ALA B 129 16.03 50.92 14.12
C ALA B 129 16.90 49.95 13.32
N TYR B 130 16.73 48.65 13.55
CA TYR B 130 17.51 47.65 12.82
C TYR B 130 17.22 47.73 11.33
N TYR B 131 18.22 47.37 10.54
CA TYR B 131 18.05 47.38 9.09
C TYR B 131 17.23 46.17 8.64
N PHE B 132 16.29 46.41 7.72
CA PHE B 132 15.48 45.32 7.19
C PHE B 132 14.89 45.76 5.85
N ASP B 133 15.00 44.88 4.85
CA ASP B 133 14.53 45.17 3.50
C ASP B 133 13.85 43.90 2.97
N LEU B 134 12.53 43.96 2.79
CA LEU B 134 11.76 42.79 2.39
C LEU B 134 11.69 42.60 0.89
N ASP B 135 11.83 43.67 0.12
CA ASP B 135 11.73 43.55 -1.35
C ASP B 135 12.72 42.58 -1.96
N PRO B 136 13.98 42.48 -1.52
CA PRO B 136 14.87 41.45 -2.09
C PRO B 136 14.43 40.02 -1.78
N VAL B 137 13.64 39.81 -0.75
CA VAL B 137 13.26 38.46 -0.33
C VAL B 137 11.79 38.16 -0.57
N ARG B 138 11.06 39.07 -1.23
CA ARG B 138 9.67 38.80 -1.58
C ARG B 138 9.62 37.63 -2.56
N ILE B 139 8.60 36.78 -2.41
CA ILE B 139 8.43 35.59 -3.23
C ILE B 139 7.40 35.91 -4.31
N PRO B 140 7.78 35.96 -5.59
CA PRO B 140 6.82 36.32 -6.63
C PRO B 140 5.84 35.18 -6.89
N TYR B 141 4.58 35.57 -7.14
CA TYR B 141 3.57 34.60 -7.54
C TYR B 141 3.81 34.17 -8.99
N ASP B 142 3.36 32.97 -9.32
CA ASP B 142 3.42 32.48 -10.69
C ASP B 142 2.09 32.77 -11.40
N ALA B 143 2.04 32.44 -12.69
CA ALA B 143 0.91 32.83 -13.53
C ALA B 143 -0.40 32.20 -13.07
N ASP B 144 -0.35 31.18 -12.22
CA ASP B 144 -1.57 30.51 -11.73
C ASP B 144 -1.96 30.94 -10.33
N THR B 145 -0.99 31.18 -9.44
CA THR B 145 -1.32 31.49 -8.05
C THR B 145 -1.79 32.94 -7.89
N LYS B 146 -1.08 33.88 -8.51
CA LYS B 146 -1.52 35.28 -8.49
C LYS B 146 -2.94 35.40 -9.02
N LYS B 147 -3.29 34.60 -10.02
CA LYS B 147 -4.67 34.57 -10.52
C LYS B 147 -5.62 34.06 -9.44
N ALA B 148 -5.19 33.06 -8.67
CA ALA B 148 -6.04 32.53 -7.61
C ALA B 148 -6.16 33.49 -6.42
N ARG B 149 -5.20 34.40 -6.26
CA ARG B 149 -5.19 35.33 -5.15
C ARG B 149 -5.74 36.71 -5.51
N SER B 150 -5.70 37.09 -6.79
CA SER B 150 -6.04 38.44 -7.19
C SER B 150 -7.53 38.68 -7.06
N ARG B 151 -7.91 39.57 -6.14
CA ARG B 151 -9.27 40.09 -6.03
C ARG B 151 -9.20 41.61 -6.13
N LYS B 152 -10.34 42.22 -6.47
CA LYS B 152 -10.39 43.66 -6.67
C LYS B 152 -9.84 44.43 -5.48
N LEU B 153 -10.05 43.89 -4.27
CA LEU B 153 -9.53 44.52 -3.06
C LEU B 153 -8.00 44.51 -3.04
N PHE B 154 -7.38 43.49 -3.63
CA PHE B 154 -5.94 43.31 -3.55
C PHE B 154 -5.20 43.78 -4.80
N GLU B 155 -5.91 44.19 -5.85
CA GLU B 155 -5.24 44.65 -7.07
C GLU B 155 -4.36 45.84 -6.78
N GLY B 156 -3.13 45.78 -7.28
CA GLY B 156 -2.18 46.85 -7.06
C GLY B 156 -1.48 46.83 -5.71
N SER B 157 -1.64 45.77 -4.94
CA SER B 157 -1.02 45.70 -3.62
C SER B 157 0.43 45.25 -3.72
N LYS B 158 1.25 45.78 -2.81
CA LYS B 158 2.68 45.44 -2.79
C LYS B 158 2.90 43.93 -2.78
N TRP B 159 2.13 43.21 -1.97
CA TRP B 159 2.35 41.78 -1.81
C TRP B 159 1.85 40.97 -2.99
N LEU B 160 0.83 41.46 -3.71
CA LEU B 160 0.29 40.71 -4.82
C LEU B 160 1.12 40.92 -6.09
N GLU B 161 1.32 42.18 -6.49
CA GLU B 161 1.96 42.46 -7.77
C GLU B 161 3.44 42.11 -7.79
N MET B 162 4.08 42.03 -6.61
CA MET B 162 5.52 41.77 -6.55
C MET B 162 5.85 40.48 -5.83
N GLY B 163 5.33 40.28 -4.62
CA GLY B 163 5.66 39.09 -3.86
C GLY B 163 5.24 39.20 -2.40
N TYR B 164 4.96 38.05 -1.79
CA TYR B 164 4.48 38.01 -0.42
C TYR B 164 5.63 37.78 0.56
N ASN B 165 5.38 38.09 1.81
CA ASN B 165 6.35 37.85 2.87
C ASN B 165 6.58 36.35 3.02
N PRO B 166 7.84 35.91 3.13
CA PRO B 166 8.10 34.47 3.32
C PRO B 166 7.58 33.92 4.64
N LYS B 167 7.08 34.82 5.48
CA LYS B 167 6.51 34.41 6.78
C LYS B 167 7.58 33.83 7.71
N ASP B 168 7.20 33.54 8.95
CA ASP B 168 8.15 33.01 9.92
C ASP B 168 8.25 31.49 9.87
N VAL B 169 7.79 30.86 8.80
CA VAL B 169 7.94 29.43 8.58
C VAL B 169 8.42 29.23 7.15
N TRP B 170 9.58 28.59 7.00
CA TRP B 170 10.23 28.41 5.70
C TRP B 170 10.27 26.92 5.41
N SER B 171 9.44 26.48 4.47
CA SER B 171 9.35 25.06 4.12
C SER B 171 10.33 24.75 2.98
N VAL B 172 11.61 24.77 3.34
CA VAL B 172 12.70 24.44 2.41
C VAL B 172 13.25 23.09 2.81
N SER B 173 13.22 22.16 1.86
CA SER B 173 13.69 20.78 2.13
C SER B 173 15.17 20.77 2.46
N ARG B 174 15.55 19.84 3.32
CA ARG B 174 16.96 19.69 3.69
C ARG B 174 17.74 19.20 2.48
N LEU B 175 19.05 19.42 2.50
CA LEU B 175 19.90 19.06 1.38
C LEU B 175 20.22 17.57 1.44
N HIS B 176 19.70 16.82 0.47
CA HIS B 176 20.09 15.42 0.34
C HIS B 176 21.57 15.32 0.00
N ARG B 177 22.20 14.21 0.39
CA ARG B 177 23.66 14.03 0.16
C ARG B 177 23.98 14.11 -1.33
N GLN B 178 23.14 13.56 -2.18
CA GLN B 178 23.43 13.51 -3.63
C GLN B 178 23.00 14.81 -4.30
N HIS B 179 22.36 15.71 -3.56
CA HIS B 179 21.99 17.02 -4.13
C HIS B 179 23.26 17.74 -4.60
N ALA B 180 23.14 18.51 -5.68
CA ALA B 180 24.30 19.21 -6.27
C ALA B 180 24.94 20.15 -5.26
N GLU B 181 24.11 20.94 -4.58
CA GLU B 181 24.63 21.91 -3.63
C GLU B 181 25.31 21.24 -2.43
N ARG B 182 24.94 19.99 -2.12
CA ARG B 182 25.46 19.33 -0.94
C ARG B 182 26.97 19.11 -1.05
N VAL B 183 27.69 19.47 0.02
CA VAL B 183 29.12 19.23 0.13
C VAL B 183 29.35 18.22 1.25
N ASP B 184 30.61 17.90 1.52
CA ASP B 184 30.94 16.95 2.58
C ASP B 184 30.86 17.61 3.96
N HIS B 185 29.67 18.09 4.29
CA HIS B 185 29.41 18.63 5.62
C HIS B 185 28.29 17.85 6.28
N PRO B 186 28.44 17.51 7.57
CA PRO B 186 27.40 16.69 8.22
C PRO B 186 26.07 17.41 8.38
N THR B 187 26.08 18.73 8.59
CA THR B 187 24.87 19.50 8.84
C THR B 187 24.85 20.74 7.95
N GLN B 188 24.80 20.54 6.64
CA GLN B 188 24.80 21.67 5.71
C GLN B 188 23.42 22.29 5.62
N LYS B 189 23.39 23.62 5.59
CA LYS B 189 22.13 24.33 5.46
C LYS B 189 21.95 24.81 4.02
N PRO B 190 20.73 24.77 3.50
CA PRO B 190 20.51 25.16 2.09
C PRO B 190 20.85 26.62 1.86
N LEU B 191 21.28 26.93 0.63
CA LEU B 191 21.68 28.29 0.28
C LEU B 191 20.48 29.24 0.21
N GLU B 192 19.27 28.70 0.05
CA GLU B 192 18.07 29.51 -0.06
C GLU B 192 17.84 30.35 1.19
N ILE B 193 17.84 29.73 2.37
CA ILE B 193 17.41 30.41 3.58
C ILE B 193 18.48 31.40 4.06
N ILE B 194 19.75 30.98 4.05
CA ILE B 194 20.83 31.90 4.41
C ILE B 194 20.86 33.08 3.45
N GLU B 195 20.63 32.83 2.17
CA GLU B 195 20.57 33.95 1.22
C GLU B 195 19.41 34.87 1.54
N ARG B 196 18.29 34.32 1.99
CA ARG B 196 17.16 35.15 2.40
C ARG B 196 17.54 36.06 3.56
N MET B 197 18.14 35.48 4.62
CA MET B 197 18.61 36.29 5.75
C MET B 197 19.57 37.38 5.29
N VAL B 198 20.57 37.01 4.48
CA VAL B 198 21.59 37.93 4.02
C VAL B 198 20.96 39.07 3.23
N LEU B 199 20.00 38.75 2.36
CA LEU B 199 19.35 39.77 1.54
C LEU B 199 18.47 40.69 2.36
N ALA B 200 17.83 40.16 3.41
CA ALA B 200 16.84 40.96 4.13
C ALA B 200 17.45 41.84 5.22
N SER B 201 18.37 41.29 6.02
CA SER B 201 18.86 42.04 7.20
C SER B 201 20.28 42.62 7.01
N CYS B 202 20.83 42.58 5.81
CA CYS B 202 22.14 43.14 5.55
C CYS B 202 22.08 43.99 4.29
N PRO B 203 22.50 45.26 4.35
CA PRO B 203 22.46 46.10 3.15
C PRO B 203 23.61 45.76 2.22
N PRO B 204 23.45 46.04 0.91
CA PRO B 204 24.53 45.74 -0.04
C PRO B 204 25.85 46.40 0.35
N GLY B 205 26.88 45.58 0.52
CA GLY B 205 28.17 46.03 0.97
C GLY B 205 28.44 45.79 2.44
N GLY B 206 27.42 45.45 3.21
CA GLY B 206 27.61 45.26 4.64
C GLY B 206 28.38 44.01 4.96
N ARG B 207 28.84 43.94 6.22
CA ARG B 207 29.65 42.82 6.69
C ARG B 207 28.77 41.84 7.47
N VAL B 208 28.85 40.57 7.11
CA VAL B 208 28.13 39.49 7.76
C VAL B 208 29.13 38.63 8.50
N LEU B 209 28.78 38.21 9.72
CA LEU B 209 29.62 37.33 10.52
C LEU B 209 28.95 35.97 10.65
N ASP B 210 29.71 34.91 10.38
CA ASP B 210 29.30 33.54 10.72
C ASP B 210 30.36 32.96 11.64
N PRO B 211 30.18 33.04 12.95
CA PRO B 211 31.19 32.49 13.86
C PRO B 211 31.43 31.02 13.66
N PHE B 212 30.44 30.30 13.14
CA PHE B 212 30.53 28.87 12.89
C PHE B 212 30.12 28.65 11.43
N MET B 213 31.02 29.03 10.52
CA MET B 213 30.69 29.03 9.06
C MET B 213 30.47 27.64 8.50
N GLY B 214 31.13 26.62 9.04
CA GLY B 214 30.97 25.28 8.50
C GLY B 214 31.41 25.20 7.05
N SER B 215 30.46 24.87 6.18
CA SER B 215 30.75 24.73 4.76
C SER B 215 30.82 26.06 4.03
N GLY B 216 30.58 27.15 4.73
CA GLY B 216 30.74 28.47 4.10
C GLY B 216 29.52 28.87 3.31
N THR B 217 28.34 28.36 3.70
CA THR B 217 27.11 28.66 2.95
C THR B 217 26.84 30.15 3.03
N THR B 218 27.21 30.77 4.15
CA THR B 218 27.02 32.21 4.32
C THR B 218 28.04 32.93 3.47
N ALA B 219 29.24 32.37 3.36
CA ALA B 219 30.25 32.96 2.49
C ALA B 219 29.75 33.02 1.05
N VAL B 220 29.21 31.90 0.56
CA VAL B 220 28.65 31.88 -0.80
C VAL B 220 27.49 32.87 -0.92
N ALA B 221 26.66 32.96 0.12
CA ALA B 221 25.54 33.88 0.09
C ALA B 221 26.02 35.32 -0.03
N CYS B 222 27.03 35.69 0.75
CA CYS B 222 27.55 37.06 0.71
C CYS B 222 28.25 37.34 -0.61
N ALA B 223 28.94 36.35 -1.17
CA ALA B 223 29.61 36.56 -2.45
C ALA B 223 28.61 36.76 -3.57
N ARG B 224 27.60 35.88 -3.64
CA ARG B 224 26.60 35.96 -4.69
C ARG B 224 25.73 37.21 -4.60
N GLN B 225 25.62 37.81 -3.41
CA GLN B 225 24.72 38.93 -3.20
C GLN B 225 25.45 40.25 -2.91
N GLY B 226 26.76 40.28 -3.11
CA GLY B 226 27.52 41.52 -2.96
C GLY B 226 27.54 42.06 -1.55
N ARG B 227 27.89 41.18 -0.61
CA ARG B 227 28.01 41.60 0.81
C ARG B 227 29.34 41.07 1.36
N ASP B 228 29.99 41.83 2.23
CA ASP B 228 31.22 41.38 2.86
C ASP B 228 30.92 40.27 3.86
N PHE B 229 31.89 39.38 4.05
CA PHE B 229 31.69 38.24 4.92
C PHE B 229 32.95 37.94 5.71
N VAL B 230 32.75 37.54 6.97
CA VAL B 230 33.79 36.98 7.82
C VAL B 230 33.21 35.73 8.47
N GLY B 231 34.07 34.75 8.72
CA GLY B 231 33.63 33.49 9.29
C GLY B 231 34.69 32.89 10.16
N TYR B 232 34.26 31.93 10.97
CA TYR B 232 35.18 31.17 11.81
C TYR B 232 34.78 29.70 11.77
N GLU B 233 35.80 28.84 11.73
CA GLU B 233 35.59 27.39 11.68
C GLU B 233 36.91 26.68 11.94
N ILE B 234 36.94 25.81 12.95
CA ILE B 234 38.19 25.17 13.34
C ILE B 234 38.61 24.05 12.40
N ASN B 235 37.66 23.49 11.64
CA ASN B 235 37.97 22.36 10.76
C ASN B 235 38.59 22.88 9.46
N GLU B 236 39.83 22.47 9.18
CA GLU B 236 40.47 22.87 7.93
C GLU B 236 39.79 22.24 6.73
N SER B 237 39.27 21.01 6.86
CA SER B 237 38.54 20.41 5.75
C SER B 237 37.30 21.22 5.42
N TYR B 238 36.53 21.57 6.45
CA TYR B 238 35.35 22.40 6.24
C TYR B 238 35.73 23.75 5.65
N CYS B 239 36.85 24.33 6.10
CA CYS B 239 37.30 25.60 5.56
C CYS B 239 37.75 25.48 4.11
N ALA B 240 38.33 24.33 3.75
CA ALA B 240 38.73 24.11 2.36
C ALA B 240 37.50 24.07 1.46
N ILE B 241 36.49 23.27 1.86
CA ILE B 241 35.23 23.26 1.10
C ILE B 241 34.63 24.67 1.05
N ALA B 242 34.69 25.38 2.17
CA ALA B 242 34.19 26.75 2.23
C ALA B 242 34.85 27.60 1.15
N HIS B 243 36.17 27.50 1.03
CA HIS B 243 36.89 28.16 -0.04
C HIS B 243 36.31 27.76 -1.39
N GLU B 244 36.45 26.46 -1.74
CA GLU B 244 36.07 25.99 -3.07
C GLU B 244 34.70 26.48 -3.48
N ARG B 245 33.75 26.49 -2.53
CA ARG B 245 32.40 26.96 -2.85
C ARG B 245 32.39 28.42 -3.25
N VAL B 246 33.33 29.22 -2.75
CA VAL B 246 33.36 30.63 -3.12
C VAL B 246 34.14 30.81 -4.42
N ASN B 247 35.29 30.14 -4.58
CA ASN B 247 36.03 30.34 -5.82
C ASN B 247 35.28 29.82 -7.05
N ALA B 248 34.24 29.02 -6.86
CA ALA B 248 33.51 28.44 -7.98
C ALA B 248 32.47 29.40 -8.57
N LEU B 249 32.41 30.64 -8.11
CA LEU B 249 31.41 31.58 -8.60
C LEU B 249 31.97 32.47 -9.71
N SER C 3 -22.97 5.21 -24.23
CA SER C 3 -22.98 5.45 -22.80
C SER C 3 -22.72 4.16 -22.04
N GLY C 4 -22.31 4.32 -20.78
CA GLY C 4 -22.09 3.19 -19.90
C GLY C 4 -20.73 2.52 -20.06
N ILE C 5 -20.22 2.50 -21.29
CA ILE C 5 -18.95 1.86 -21.59
C ILE C 5 -17.84 2.89 -21.44
N GLU C 6 -16.83 2.56 -20.62
CA GLU C 6 -15.73 3.47 -20.33
C GLU C 6 -14.41 2.78 -20.63
N LEU C 7 -13.66 3.33 -21.57
CA LEU C 7 -12.38 2.78 -22.00
C LEU C 7 -11.29 3.83 -21.74
N HIS C 8 -10.20 3.41 -21.09
CA HIS C 8 -9.15 4.34 -20.68
C HIS C 8 -7.79 3.76 -20.98
N ASN C 9 -6.95 4.54 -21.66
CA ASN C 9 -5.58 4.14 -21.98
C ASN C 9 -4.66 4.38 -20.78
N ARG C 10 -5.04 3.80 -19.65
CA ARG C 10 -4.28 3.91 -18.42
C ARG C 10 -3.98 2.53 -17.86
N ASP C 11 -2.96 2.46 -17.02
CA ASP C 11 -2.60 1.21 -16.37
C ASP C 11 -3.50 1.00 -15.17
N PHE C 12 -4.10 -0.20 -15.08
CA PHE C 12 -4.99 -0.50 -13.97
C PHE C 12 -4.28 -0.38 -12.63
N LEU C 13 -2.97 -0.68 -12.60
CA LEU C 13 -2.23 -0.62 -11.34
C LEU C 13 -2.19 0.81 -10.80
N THR C 14 -2.06 1.80 -11.69
CA THR C 14 -2.06 3.19 -11.27
C THR C 14 -3.48 3.68 -10.99
N ASP C 15 -4.38 3.48 -11.95
CA ASP C 15 -5.74 4.01 -11.86
C ASP C 15 -6.62 3.22 -10.90
N ALA C 16 -6.03 2.26 -10.18
CA ALA C 16 -6.81 1.40 -9.27
C ALA C 16 -7.66 2.22 -8.30
N ALA C 17 -7.06 3.18 -7.61
CA ALA C 17 -7.80 3.93 -6.57
C ALA C 17 -9.02 4.62 -7.19
N HIS C 18 -8.84 5.25 -8.37
CA HIS C 18 -9.98 5.87 -9.08
C HIS C 18 -11.10 4.82 -9.23
N LEU C 19 -12.37 5.23 -9.12
CA LEU C 19 -13.54 4.30 -9.17
C LEU C 19 -13.73 3.72 -7.76
N PRO C 20 -14.90 3.92 -7.11
CA PRO C 20 -15.07 3.49 -5.72
C PRO C 20 -15.12 1.99 -5.43
N ASP C 21 -15.04 1.64 -4.15
CA ASP C 21 -15.08 0.25 -3.72
C ASP C 21 -16.53 -0.22 -3.63
N ALA C 22 -16.73 -1.53 -3.72
CA ALA C 22 -18.06 -2.13 -3.72
C ALA C 22 -18.96 -1.47 -4.76
N SER C 23 -18.48 -1.43 -6.00
CA SER C 23 -19.19 -0.79 -7.10
C SER C 23 -19.20 -1.62 -8.38
N ILE C 24 -18.51 -2.75 -8.41
CA ILE C 24 -18.40 -3.59 -9.59
C ILE C 24 -19.08 -4.93 -9.28
N ASP C 25 -19.92 -5.38 -10.20
CA ASP C 25 -20.63 -6.65 -10.02
C ASP C 25 -19.86 -7.85 -10.55
N LEU C 26 -18.86 -7.63 -11.40
CA LEU C 26 -18.11 -8.72 -12.00
C LEU C 26 -16.84 -8.18 -12.62
N ILE C 27 -15.74 -8.91 -12.48
CA ILE C 27 -14.48 -8.52 -13.10
C ILE C 27 -14.07 -9.66 -14.03
N VAL C 28 -14.18 -9.43 -15.34
CA VAL C 28 -13.60 -10.32 -16.32
C VAL C 28 -12.11 -10.02 -16.39
N ALA C 29 -11.29 -10.96 -15.93
CA ALA C 29 -9.85 -10.76 -15.83
C ALA C 29 -9.16 -11.64 -16.85
N ASP C 30 -8.67 -11.04 -17.93
CA ASP C 30 -7.76 -11.71 -18.84
C ASP C 30 -6.37 -11.12 -18.68
N PRO C 31 -5.64 -11.48 -17.63
CA PRO C 31 -4.32 -10.91 -17.42
C PRO C 31 -3.28 -11.62 -18.25
N PRO C 32 -2.06 -11.08 -18.35
CA PRO C 32 -0.98 -11.86 -18.95
C PRO C 32 -0.79 -13.16 -18.19
N TYR C 33 -0.46 -14.21 -18.94
CA TYR C 33 -0.33 -15.53 -18.34
C TYR C 33 1.05 -15.79 -17.76
N GLY C 34 2.07 -15.11 -18.28
CA GLY C 34 3.46 -15.38 -17.94
C GLY C 34 4.27 -15.89 -19.11
N LEU C 35 3.62 -16.43 -20.13
CA LEU C 35 4.33 -16.84 -21.33
C LEU C 35 4.76 -15.61 -22.11
N ASN C 41 4.20 -4.16 -25.16
CA ASN C 41 4.96 -3.76 -23.99
C ASN C 41 5.69 -4.95 -23.39
N ASP C 42 5.86 -4.97 -22.07
CA ASP C 42 6.61 -6.03 -21.40
C ASP C 42 5.85 -6.57 -20.21
N SER C 43 4.52 -6.69 -20.33
CA SER C 43 3.72 -7.24 -19.23
C SER C 43 3.95 -8.74 -19.08
N ASP C 44 3.74 -9.50 -20.17
CA ASP C 44 3.85 -10.95 -20.13
C ASP C 44 5.28 -11.45 -20.17
N LYS C 45 6.28 -10.55 -20.23
CA LYS C 45 7.67 -10.95 -20.16
C LYS C 45 8.10 -11.32 -18.75
N ARG C 46 7.16 -11.39 -17.82
CA ARG C 46 7.43 -11.75 -16.44
C ARG C 46 7.41 -13.28 -16.29
N SER C 47 7.87 -13.76 -15.14
CA SER C 47 8.00 -15.19 -14.94
C SER C 47 8.10 -15.49 -13.44
N GLY C 48 7.90 -16.76 -13.10
CA GLY C 48 8.09 -17.28 -11.76
C GLY C 48 7.55 -16.41 -10.65
N ASP C 49 8.27 -16.38 -9.52
CA ASP C 49 7.83 -15.62 -8.36
C ASP C 49 7.59 -14.16 -8.71
N ASP C 50 8.32 -13.60 -9.69
CA ASP C 50 8.07 -12.22 -10.10
C ASP C 50 6.66 -12.07 -10.66
N PHE C 51 6.27 -12.96 -11.59
CA PHE C 51 4.94 -12.86 -12.16
C PHE C 51 3.86 -13.20 -11.13
N LEU C 52 4.12 -14.17 -10.25
CA LEU C 52 3.16 -14.45 -9.19
C LEU C 52 2.97 -13.24 -8.29
N ALA C 53 4.05 -12.53 -7.99
CA ALA C 53 3.95 -11.33 -7.17
C ALA C 53 3.15 -10.25 -7.87
N TRP C 54 3.43 -10.01 -9.16
CA TRP C 54 2.69 -8.98 -9.88
C TRP C 54 1.21 -9.32 -9.99
N THR C 55 0.89 -10.57 -10.32
CA THR C 55 -0.49 -11.00 -10.36
C THR C 55 -1.15 -10.75 -9.00
N ARG C 56 -0.66 -11.43 -7.95
CA ARG C 56 -1.12 -11.23 -6.58
C ARG C 56 -1.35 -9.76 -6.27
N GLU C 57 -0.44 -8.89 -6.72
CA GLU C 57 -0.54 -7.46 -6.44
C GLU C 57 -1.78 -6.86 -7.09
N TRP C 58 -1.94 -7.03 -8.40
CA TRP C 58 -3.10 -6.38 -9.03
C TRP C 58 -4.40 -7.06 -8.62
N LEU C 59 -4.35 -8.32 -8.20
CA LEU C 59 -5.54 -8.93 -7.59
C LEU C 59 -5.88 -8.25 -6.28
N GLU C 60 -4.88 -8.00 -5.43
CA GLU C 60 -5.11 -7.25 -4.20
C GLU C 60 -5.72 -5.90 -4.51
N LEU C 61 -5.28 -5.26 -5.60
CA LEU C 61 -5.78 -3.95 -5.95
C LEU C 61 -7.10 -3.97 -6.71
N ALA C 62 -7.59 -5.15 -7.11
CA ALA C 62 -8.87 -5.26 -7.79
C ALA C 62 -9.98 -5.88 -6.96
N ILE C 63 -9.65 -6.71 -5.96
CA ILE C 63 -10.69 -7.41 -5.19
C ILE C 63 -11.57 -6.45 -4.40
N PRO C 64 -11.04 -5.46 -3.67
CA PRO C 64 -11.94 -4.60 -2.87
C PRO C 64 -13.01 -3.90 -3.68
N LEU C 66 -14.88 -5.09 -5.86
CA LEU C 66 -16.03 -5.95 -6.10
C LEU C 66 -17.09 -5.76 -5.02
N LYS C 67 -18.34 -5.94 -5.44
CA LYS C 67 -19.48 -5.81 -4.54
C LYS C 67 -19.61 -7.06 -3.68
N PRO C 68 -20.42 -7.03 -2.62
CA PRO C 68 -20.60 -8.24 -1.80
C PRO C 68 -21.18 -9.41 -2.56
N SER C 69 -21.85 -9.16 -3.69
CA SER C 69 -22.32 -10.24 -4.55
C SER C 69 -21.42 -10.44 -5.77
N GLY C 70 -20.39 -9.61 -5.93
CA GLY C 70 -19.61 -9.64 -7.15
C GLY C 70 -18.86 -10.95 -7.33
N SER C 71 -18.61 -11.28 -8.59
CA SER C 71 -17.85 -12.46 -8.98
C SER C 71 -16.61 -12.03 -9.76
N MET C 72 -15.81 -13.01 -10.13
CA MET C 72 -14.55 -12.76 -10.84
C MET C 72 -14.19 -13.97 -11.65
N TYR C 73 -13.92 -13.77 -12.93
CA TYR C 73 -13.31 -14.78 -13.78
C TYR C 73 -11.87 -14.34 -14.05
N ILE C 74 -10.91 -15.23 -13.86
CA ILE C 74 -9.53 -14.89 -14.18
C ILE C 74 -8.93 -15.96 -15.09
N PHE C 75 -8.36 -15.50 -16.21
CA PHE C 75 -7.68 -16.33 -17.20
C PHE C 75 -6.26 -16.63 -16.73
N CYS C 76 -5.85 -17.90 -16.84
CA CYS C 76 -4.45 -18.22 -16.61
C CYS C 76 -4.12 -19.53 -17.32
N THR C 77 -2.83 -19.86 -17.34
CA THR C 77 -2.38 -21.13 -17.90
C THR C 77 -2.21 -22.14 -16.78
N TRP C 78 -2.13 -23.42 -17.17
CA TRP C 78 -1.95 -24.48 -16.19
C TRP C 78 -0.68 -24.29 -15.39
N GLN C 79 0.31 -23.58 -15.95
CA GLN C 79 1.59 -23.41 -15.28
C GLN C 79 1.43 -22.68 -13.94
N TYR C 80 0.91 -21.45 -13.98
CA TYR C 80 0.76 -20.63 -12.80
C TYR C 80 -0.65 -20.67 -12.23
N ALA C 81 -1.44 -21.71 -12.56
CA ALA C 81 -2.82 -21.71 -12.10
C ALA C 81 -2.93 -22.24 -10.68
N PRO C 82 -2.42 -23.46 -10.35
CA PRO C 82 -2.39 -23.90 -8.94
C PRO C 82 -2.12 -22.78 -7.93
N GLU C 83 -1.08 -21.97 -8.18
CA GLU C 83 -0.73 -20.91 -7.23
C GLU C 83 -1.77 -19.80 -7.21
N ILE C 84 -2.16 -19.32 -8.40
CA ILE C 84 -3.16 -18.25 -8.50
C ILE C 84 -4.43 -18.66 -7.76
N PHE C 85 -4.87 -19.91 -7.97
CA PHE C 85 -6.12 -20.37 -7.40
C PHE C 85 -6.01 -20.62 -5.89
N SER C 86 -4.88 -21.15 -5.43
CA SER C 86 -4.71 -21.35 -3.99
C SER C 86 -4.70 -20.02 -3.25
N LYS C 89 -8.09 -18.60 -3.21
CA LYS C 89 -8.91 -19.31 -2.24
C LYS C 89 -8.71 -18.73 -0.84
N THR C 90 -7.48 -18.35 -0.51
CA THR C 90 -7.28 -17.69 0.79
C THR C 90 -8.13 -16.42 0.94
N GLN C 91 -8.72 -15.91 -0.14
CA GLN C 91 -9.57 -14.71 -0.06
C GLN C 91 -11.00 -15.02 -0.50
N LEU C 92 -11.25 -15.24 -1.78
CA LEU C 92 -12.60 -15.36 -2.30
C LEU C 92 -12.99 -16.84 -2.21
N THR C 93 -14.12 -17.23 -2.79
CA THR C 93 -14.57 -18.63 -2.83
C THR C 93 -14.52 -19.14 -4.26
N MET C 94 -13.95 -20.34 -4.45
CA MET C 94 -13.93 -20.98 -5.76
C MET C 94 -15.28 -21.59 -6.03
N VAL C 95 -16.13 -20.88 -6.77
CA VAL C 95 -17.39 -21.49 -7.21
C VAL C 95 -17.12 -22.48 -8.33
N ASN C 96 -16.18 -22.17 -9.23
CA ASN C 96 -15.95 -23.11 -10.31
C ASN C 96 -14.55 -22.95 -10.87
N GLU C 97 -14.08 -24.02 -11.52
CA GLU C 97 -12.86 -24.00 -12.32
C GLU C 97 -13.28 -24.38 -13.74
N ILE C 98 -13.33 -23.39 -14.61
CA ILE C 98 -13.78 -23.60 -15.98
C ILE C 98 -12.58 -23.85 -16.87
N ILE C 99 -12.74 -24.78 -17.81
CA ILE C 99 -11.66 -25.19 -18.69
C ILE C 99 -12.03 -24.75 -20.09
N TRP C 100 -11.31 -23.76 -20.63
CA TRP C 100 -11.53 -23.37 -22.01
C TRP C 100 -10.74 -24.31 -22.91
N ASP C 101 -11.44 -25.27 -23.50
CA ASP C 101 -10.78 -26.14 -24.50
C ASP C 101 -10.70 -25.30 -25.76
N ARG C 102 -9.55 -24.70 -26.03
CA ARG C 102 -9.39 -23.83 -27.22
C ARG C 102 -9.51 -24.69 -28.49
N ARG C 103 -9.78 -25.99 -28.35
CA ARG C 103 -9.96 -26.90 -29.53
C ARG C 103 -8.64 -27.06 -30.32
N VAL C 104 -8.00 -25.95 -30.73
CA VAL C 104 -6.79 -25.97 -31.60
C VAL C 104 -5.47 -25.89 -30.78
N PRO C 105 -4.73 -27.01 -30.57
CA PRO C 105 -3.55 -27.01 -29.71
C PRO C 105 -2.56 -25.93 -30.10
N SER C 106 -1.70 -25.58 -29.14
CA SER C 106 -0.56 -24.70 -29.40
C SER C 106 0.52 -25.44 -30.18
N MET C 107 1.42 -24.66 -30.81
CA MET C 107 2.45 -25.21 -31.68
C MET C 107 3.81 -25.21 -31.02
N GLY C 108 4.75 -25.84 -31.70
CA GLY C 108 6.12 -25.91 -31.28
C GLY C 108 6.89 -26.93 -32.08
N GLY C 109 6.60 -28.21 -31.86
CA GLY C 109 7.29 -29.29 -32.55
C GLY C 109 7.84 -30.30 -31.58
N THR C 110 7.28 -30.32 -30.37
CA THR C 110 7.78 -31.13 -29.27
C THR C 110 6.98 -32.42 -29.16
N THR C 111 7.64 -33.48 -28.71
CA THR C 111 7.02 -34.81 -28.65
C THR C 111 7.36 -35.53 -27.36
N ARG C 112 7.55 -34.75 -26.30
CA ARG C 112 7.92 -35.29 -24.98
C ARG C 112 6.84 -34.96 -23.95
N ARG C 113 5.74 -34.35 -24.39
CA ARG C 113 4.65 -33.94 -23.51
C ARG C 113 3.38 -33.79 -24.36
N PHE C 114 2.23 -33.88 -23.71
CA PHE C 114 0.97 -33.66 -24.39
C PHE C 114 0.76 -32.18 -24.66
N THR C 115 0.24 -31.87 -25.85
CA THR C 115 0.17 -30.49 -26.31
C THR C 115 -0.92 -29.71 -25.56
N SER C 116 -0.76 -28.39 -25.55
CA SER C 116 -1.62 -27.51 -24.79
C SER C 116 -2.81 -27.05 -25.63
N VAL C 117 -4.02 -27.35 -25.17
CA VAL C 117 -5.24 -26.87 -25.81
C VAL C 117 -6.30 -26.51 -24.78
N HIS C 118 -5.87 -26.18 -23.57
CA HIS C 118 -6.81 -25.74 -22.56
C HIS C 118 -6.23 -24.58 -21.77
N ASP C 119 -7.04 -23.56 -21.55
CA ASP C 119 -6.71 -22.47 -20.65
C ASP C 119 -7.56 -22.59 -19.40
N ASN C 120 -6.97 -22.28 -18.24
CA ASN C 120 -7.64 -22.43 -16.97
C ASN C 120 -8.36 -21.15 -16.58
N ILE C 121 -9.51 -21.32 -15.95
CA ILE C 121 -10.37 -20.21 -15.55
C ILE C 121 -10.76 -20.39 -14.10
N GLY C 122 -10.50 -19.37 -13.30
CA GLY C 122 -10.98 -19.31 -11.93
C GLY C 122 -12.25 -18.50 -11.85
N PHE C 123 -13.34 -19.14 -11.41
CA PHE C 123 -14.61 -18.50 -11.15
C PHE C 123 -14.79 -18.36 -9.65
N PHE C 124 -14.62 -17.13 -9.15
CA PHE C 124 -14.60 -16.77 -7.75
C PHE C 124 -15.78 -15.85 -7.43
N ALA C 125 -16.13 -15.77 -6.14
CA ALA C 125 -17.23 -14.95 -5.66
C ALA C 125 -16.97 -14.47 -4.24
N VAL C 126 -17.53 -13.30 -3.91
CA VAL C 126 -17.24 -12.69 -2.62
C VAL C 126 -17.88 -13.49 -1.49
N SER C 127 -19.17 -13.82 -1.63
CA SER C 127 -19.91 -14.51 -0.58
C SER C 127 -20.73 -15.62 -1.22
N ARG C 128 -21.39 -16.41 -0.35
CA ARG C 128 -22.25 -17.49 -0.81
C ARG C 128 -23.51 -16.99 -1.49
N ALA C 129 -23.80 -15.69 -1.41
CA ALA C 129 -24.96 -15.09 -2.06
C ALA C 129 -24.57 -14.36 -3.34
N TYR C 130 -23.50 -14.80 -3.98
CA TYR C 130 -23.10 -14.26 -5.27
C TYR C 130 -24.26 -14.32 -6.25
N TYR C 131 -24.34 -13.33 -7.12
CA TYR C 131 -25.36 -13.39 -8.16
C TYR C 131 -24.98 -14.42 -9.20
N PHE C 132 -25.98 -15.17 -9.65
CA PHE C 132 -25.78 -16.10 -10.76
C PHE C 132 -27.14 -16.38 -11.39
N ASP C 133 -27.28 -16.03 -12.67
CA ASP C 133 -28.46 -16.37 -13.46
C ASP C 133 -28.01 -17.30 -14.58
N LEU C 134 -28.37 -18.57 -14.46
CA LEU C 134 -27.96 -19.58 -15.43
C LEU C 134 -28.82 -19.56 -16.69
N ASP C 135 -30.04 -19.01 -16.60
CA ASP C 135 -30.97 -19.07 -17.73
C ASP C 135 -30.47 -18.38 -18.98
N PRO C 136 -29.97 -17.14 -18.95
CA PRO C 136 -29.56 -16.48 -20.20
C PRO C 136 -28.33 -17.11 -20.84
N VAL C 137 -27.64 -18.02 -20.16
CA VAL C 137 -26.46 -18.69 -20.70
C VAL C 137 -26.72 -20.15 -21.03
N ARG C 138 -27.94 -20.64 -20.82
CA ARG C 138 -28.27 -21.99 -21.25
C ARG C 138 -28.16 -22.09 -22.77
N ILE C 139 -27.94 -23.31 -23.24
CA ILE C 139 -27.76 -23.60 -24.66
C ILE C 139 -28.96 -24.43 -25.12
N PRO C 140 -29.75 -23.93 -26.07
CA PRO C 140 -30.93 -24.70 -26.51
C PRO C 140 -30.54 -25.79 -27.48
N TYR C 141 -31.03 -27.00 -27.22
CA TYR C 141 -30.81 -28.10 -28.15
C TYR C 141 -31.46 -27.79 -29.49
N ASP C 142 -30.83 -28.25 -30.57
CA ASP C 142 -31.51 -28.22 -31.85
C ASP C 142 -32.62 -29.28 -31.85
N ALA C 143 -33.36 -29.36 -32.96
CA ALA C 143 -34.44 -30.34 -33.03
C ALA C 143 -33.91 -31.76 -32.88
N ASP C 144 -32.84 -32.09 -33.61
CA ASP C 144 -32.29 -33.44 -33.58
C ASP C 144 -31.84 -33.81 -32.17
N THR C 145 -31.02 -32.97 -31.55
CA THR C 145 -30.45 -33.33 -30.25
C THR C 145 -31.52 -33.36 -29.17
N LYS C 146 -32.49 -32.44 -29.22
CA LYS C 146 -33.57 -32.47 -28.24
C LYS C 146 -34.40 -33.73 -28.38
N LYS C 147 -34.74 -34.11 -29.61
CA LYS C 147 -35.41 -35.38 -29.83
C LYS C 147 -34.59 -36.55 -29.31
N ALA C 148 -33.26 -36.43 -29.39
CA ALA C 148 -32.40 -37.51 -28.91
C ALA C 148 -32.33 -37.57 -27.40
N ARG C 149 -32.50 -36.43 -26.72
CA ARG C 149 -32.36 -36.36 -25.28
C ARG C 149 -33.69 -36.42 -24.55
N SER C 150 -34.81 -36.46 -25.27
CA SER C 150 -36.13 -36.40 -24.65
C SER C 150 -36.55 -37.79 -24.18
N ARG C 151 -36.87 -37.91 -22.90
CA ARG C 151 -37.45 -39.13 -22.34
C ARG C 151 -38.61 -38.76 -21.43
N LYS C 152 -39.49 -39.73 -21.20
CA LYS C 152 -40.64 -39.49 -20.32
C LYS C 152 -40.23 -38.97 -18.96
N LEU C 153 -39.07 -39.40 -18.46
CA LEU C 153 -38.58 -38.89 -17.18
C LEU C 153 -38.17 -37.43 -17.31
N PHE C 154 -37.56 -37.06 -18.43
CA PHE C 154 -37.06 -35.70 -18.62
C PHE C 154 -38.08 -34.77 -19.24
N GLU C 155 -39.27 -35.26 -19.59
CA GLU C 155 -40.32 -34.42 -20.13
C GLU C 155 -40.71 -33.33 -19.14
N GLY C 156 -40.41 -32.08 -19.49
CA GLY C 156 -40.74 -30.94 -18.65
C GLY C 156 -39.56 -30.32 -17.93
N SER C 157 -38.41 -30.99 -17.90
CA SER C 157 -37.24 -30.45 -17.22
C SER C 157 -36.76 -29.18 -17.92
N LYS C 158 -36.38 -28.18 -17.12
CA LYS C 158 -35.98 -26.89 -17.68
C LYS C 158 -34.73 -27.02 -18.54
N TRP C 159 -33.83 -27.95 -18.19
CA TRP C 159 -32.62 -28.12 -18.99
C TRP C 159 -32.95 -28.65 -20.39
N LEU C 160 -34.01 -29.44 -20.52
CA LEU C 160 -34.35 -29.99 -21.83
C LEU C 160 -35.00 -28.95 -22.73
N GLU C 161 -35.90 -28.13 -22.18
CA GLU C 161 -36.66 -27.20 -23.01
C GLU C 161 -35.95 -25.85 -23.15
N MET C 162 -35.56 -25.24 -22.03
CA MET C 162 -34.88 -23.95 -22.09
C MET C 162 -33.45 -24.12 -22.58
N GLY C 163 -32.69 -25.03 -21.97
CA GLY C 163 -31.31 -25.26 -22.36
C GLY C 163 -30.48 -25.86 -21.25
N TYR C 164 -29.45 -26.62 -21.61
CA TYR C 164 -28.62 -27.31 -20.64
C TYR C 164 -27.52 -26.39 -20.11
N ASN C 165 -26.87 -26.84 -19.05
CA ASN C 165 -25.76 -26.09 -18.47
C ASN C 165 -24.56 -26.13 -19.42
N PRO C 166 -23.86 -25.01 -19.61
CA PRO C 166 -22.62 -25.03 -20.39
C PRO C 166 -21.54 -25.93 -19.79
N LYS C 167 -21.75 -26.43 -18.57
CA LYS C 167 -20.85 -27.38 -17.92
C LYS C 167 -19.47 -26.78 -17.64
N ASP C 168 -18.56 -27.61 -17.12
CA ASP C 168 -17.29 -27.10 -16.62
C ASP C 168 -16.30 -26.81 -17.75
N VAL C 169 -16.44 -27.47 -18.88
CA VAL C 169 -15.54 -27.27 -20.03
C VAL C 169 -16.30 -26.53 -21.11
N TRP C 170 -15.65 -25.52 -21.69
CA TRP C 170 -16.20 -24.73 -22.79
C TRP C 170 -15.36 -25.04 -24.02
N SER C 171 -15.93 -25.83 -24.94
CA SER C 171 -15.21 -26.26 -26.15
C SER C 171 -15.49 -25.26 -27.25
N VAL C 172 -14.81 -24.11 -27.15
CA VAL C 172 -14.95 -23.02 -28.10
C VAL C 172 -13.61 -22.84 -28.80
N SER C 173 -13.65 -22.85 -30.13
CA SER C 173 -12.42 -22.67 -30.94
C SER C 173 -11.82 -21.29 -30.71
N ARG C 174 -10.50 -21.19 -30.86
CA ARG C 174 -9.82 -19.88 -30.81
C ARG C 174 -10.09 -19.19 -32.15
N LEU C 175 -9.90 -17.88 -32.25
CA LEU C 175 -10.26 -17.18 -33.50
C LEU C 175 -9.05 -17.11 -34.42
N HIS C 176 -9.20 -17.65 -35.62
CA HIS C 176 -8.11 -17.60 -36.62
C HIS C 176 -8.00 -16.16 -37.08
N ARG C 177 -6.81 -15.73 -37.50
CA ARG C 177 -6.63 -14.31 -37.87
C ARG C 177 -7.64 -13.92 -38.95
N GLN C 178 -8.05 -14.88 -39.78
CA GLN C 178 -9.00 -14.57 -40.89
C GLN C 178 -10.43 -14.48 -40.37
N HIS C 179 -10.71 -15.05 -39.20
CA HIS C 179 -12.07 -14.92 -38.61
C HIS C 179 -12.49 -13.46 -38.64
N ALA C 180 -13.76 -13.21 -38.96
CA ALA C 180 -14.29 -11.82 -38.93
C ALA C 180 -14.05 -11.23 -37.54
N GLU C 181 -14.54 -11.92 -36.51
CA GLU C 181 -14.38 -11.40 -35.13
C GLU C 181 -12.92 -11.02 -34.91
N ARG C 182 -11.99 -11.84 -35.41
CA ARG C 182 -10.56 -11.57 -35.15
C ARG C 182 -10.21 -10.15 -35.60
N VAL C 183 -9.67 -9.34 -34.70
CA VAL C 183 -9.23 -7.96 -35.08
C VAL C 183 -7.78 -8.25 -34.66
N ASP C 184 -6.94 -7.21 -34.58
CA ASP C 184 -5.51 -7.39 -34.23
C ASP C 184 -4.95 -7.35 -32.80
N HIS C 185 -5.27 -8.35 -31.98
CA HIS C 185 -4.68 -8.45 -30.61
C HIS C 185 -4.23 -9.88 -30.40
N PRO C 186 -2.91 -10.15 -30.35
CA PRO C 186 -2.41 -11.51 -30.21
C PRO C 186 -3.29 -12.40 -29.37
N THR C 187 -3.49 -12.05 -28.11
CA THR C 187 -4.23 -12.93 -27.20
C THR C 187 -5.72 -12.64 -27.28
N GLN C 188 -6.26 -12.44 -28.49
CA GLN C 188 -7.69 -12.06 -28.59
C GLN C 188 -8.56 -13.20 -28.04
N LYS C 189 -9.64 -12.87 -27.35
CA LYS C 189 -10.50 -13.90 -26.72
C LYS C 189 -11.84 -13.96 -27.48
N PRO C 190 -12.56 -15.10 -27.47
CA PRO C 190 -13.80 -15.24 -28.23
C PRO C 190 -14.97 -14.64 -27.50
N LEU C 191 -15.87 -14.01 -28.26
CA LEU C 191 -16.98 -13.36 -27.59
C LEU C 191 -17.97 -14.36 -27.02
N GLU C 192 -17.99 -15.60 -27.53
CA GLU C 192 -18.96 -16.57 -27.07
C GLU C 192 -18.77 -16.92 -25.60
N ILE C 193 -17.53 -16.90 -25.11
CA ILE C 193 -17.27 -17.19 -23.71
C ILE C 193 -17.34 -15.91 -22.87
N ILE C 194 -16.86 -14.79 -23.43
CA ILE C 194 -16.92 -13.52 -22.73
C ILE C 194 -18.36 -13.17 -22.38
N GLU C 195 -19.25 -13.24 -23.38
CA GLU C 195 -20.66 -12.97 -23.15
C GLU C 195 -21.27 -13.96 -22.17
N ARG C 196 -20.84 -15.22 -22.20
CA ARG C 196 -21.37 -16.18 -21.25
C ARG C 196 -21.07 -15.75 -19.82
N MET C 197 -19.82 -15.37 -19.55
CA MET C 197 -19.49 -14.88 -18.21
C MET C 197 -20.26 -13.60 -17.88
N VAL C 198 -20.35 -12.68 -18.85
CA VAL C 198 -21.03 -11.41 -18.62
C VAL C 198 -22.50 -11.64 -18.25
N LEU C 199 -23.18 -12.49 -19.03
CA LEU C 199 -24.60 -12.75 -18.81
C LEU C 199 -24.85 -13.55 -17.55
N ALA C 200 -23.93 -14.46 -17.20
CA ALA C 200 -24.17 -15.39 -16.11
C ALA C 200 -23.91 -14.78 -14.74
N SER C 201 -23.12 -13.69 -14.64
CA SER C 201 -22.71 -13.23 -13.31
C SER C 201 -22.72 -11.71 -13.18
N CYS C 202 -23.73 -11.03 -13.77
CA CYS C 202 -23.99 -9.59 -13.58
C CYS C 202 -25.34 -9.20 -14.12
N PRO C 203 -26.22 -8.67 -13.23
CA PRO C 203 -27.56 -8.43 -13.64
C PRO C 203 -27.54 -7.43 -14.80
N PRO C 204 -28.61 -7.34 -15.59
CA PRO C 204 -28.78 -6.23 -16.55
C PRO C 204 -28.53 -4.88 -15.90
N GLY C 205 -27.68 -4.07 -16.51
CA GLY C 205 -27.38 -2.75 -16.00
C GLY C 205 -26.24 -2.69 -15.01
N GLY C 206 -25.70 -3.82 -14.59
CA GLY C 206 -24.57 -3.82 -13.69
C GLY C 206 -23.29 -3.37 -14.39
N ARG C 207 -22.23 -3.24 -13.60
CA ARG C 207 -20.93 -2.80 -14.10
C ARG C 207 -19.94 -3.96 -14.09
N VAL C 208 -19.05 -3.97 -15.07
CA VAL C 208 -18.06 -5.02 -15.23
C VAL C 208 -16.69 -4.38 -15.43
N LEU C 209 -15.69 -4.93 -14.73
CA LEU C 209 -14.31 -4.37 -14.81
C LEU C 209 -13.41 -5.35 -15.58
N ASP C 210 -12.62 -4.83 -16.51
CA ASP C 210 -11.62 -5.69 -17.21
C ASP C 210 -10.27 -4.96 -17.14
N PRO C 211 -9.54 -5.06 -16.01
CA PRO C 211 -8.28 -4.36 -15.86
C PRO C 211 -7.46 -4.34 -17.13
N PHE C 212 -7.50 -5.44 -17.89
CA PHE C 212 -6.72 -5.54 -19.15
C PHE C 212 -7.69 -5.91 -20.26
N MET C 213 -8.31 -4.90 -20.89
CA MET C 213 -9.36 -5.20 -21.91
C MET C 213 -8.71 -5.50 -23.28
N GLY C 214 -7.50 -4.99 -23.51
CA GLY C 214 -6.84 -5.23 -24.81
C GLY C 214 -7.77 -4.83 -25.94
N SER C 215 -8.10 -5.74 -26.85
CA SER C 215 -8.95 -5.30 -27.95
C SER C 215 -10.39 -5.01 -27.51
N GLY C 216 -10.68 -5.00 -26.21
CA GLY C 216 -12.01 -4.69 -25.74
C GLY C 216 -13.04 -5.77 -26.02
N THR C 217 -12.67 -7.04 -25.84
CA THR C 217 -13.62 -8.11 -26.08
C THR C 217 -14.73 -8.11 -25.03
N THR C 218 -14.39 -7.78 -23.78
CA THR C 218 -15.42 -7.63 -22.75
C THR C 218 -16.29 -6.41 -23.03
N ALA C 219 -15.72 -5.37 -23.63
CA ALA C 219 -16.44 -4.13 -23.85
C ALA C 219 -17.58 -4.31 -24.83
N ALA C 221 -19.08 -7.05 -25.64
CA ALA C 221 -20.07 -7.91 -25.01
C ALA C 221 -20.97 -7.10 -24.08
N CYS C 222 -20.38 -6.26 -23.24
CA CYS C 222 -21.18 -5.49 -22.29
C CYS C 222 -22.08 -4.48 -23.01
N ALA C 223 -21.57 -3.87 -24.09
CA ALA C 223 -22.37 -2.90 -24.82
C ALA C 223 -23.46 -3.55 -25.66
N ARG C 224 -23.36 -4.86 -25.91
CA ARG C 224 -24.37 -5.56 -26.69
C ARG C 224 -25.32 -6.37 -25.83
N GLN C 225 -24.95 -6.69 -24.59
CA GLN C 225 -25.77 -7.49 -23.69
C GLN C 225 -26.35 -6.66 -22.53
N GLY C 226 -26.27 -5.34 -22.59
CA GLY C 226 -26.90 -4.50 -21.58
C GLY C 226 -26.25 -4.51 -20.22
N ARG C 227 -24.98 -4.11 -20.16
CA ARG C 227 -24.25 -3.96 -18.91
C ARG C 227 -23.16 -2.92 -19.08
N ASP C 228 -22.96 -2.11 -18.05
CA ASP C 228 -21.93 -1.08 -18.11
C ASP C 228 -20.55 -1.70 -17.97
N PHE C 229 -19.56 -1.02 -18.54
CA PHE C 229 -18.21 -1.58 -18.62
C PHE C 229 -17.16 -0.53 -18.30
N VAL C 230 -16.12 -0.95 -17.60
CA VAL C 230 -14.90 -0.18 -17.41
C VAL C 230 -13.71 -1.08 -17.69
N GLY C 231 -12.81 -0.62 -18.56
CA GLY C 231 -11.66 -1.42 -18.92
C GLY C 231 -10.40 -0.61 -19.07
N TYR C 232 -9.27 -1.18 -18.68
CA TYR C 232 -7.99 -0.51 -18.77
C TYR C 232 -7.06 -1.25 -19.72
N GLU C 233 -6.08 -0.51 -20.23
CA GLU C 233 -5.20 -0.99 -21.28
C GLU C 233 -4.15 0.08 -21.54
N ILE C 234 -2.95 -0.31 -21.95
CA ILE C 234 -1.84 0.63 -22.10
C ILE C 234 -1.54 0.94 -23.56
N ASN C 235 -1.52 -0.07 -24.43
CA ASN C 235 -1.19 0.15 -25.84
C ASN C 235 -2.31 0.90 -26.55
N GLU C 236 -1.99 2.08 -27.09
CA GLU C 236 -3.01 2.93 -27.69
C GLU C 236 -3.76 2.23 -28.82
N SER C 237 -3.06 1.37 -29.58
CA SER C 237 -3.69 0.72 -30.73
C SER C 237 -4.75 -0.28 -30.29
N TYR C 238 -4.51 -0.99 -29.18
CA TYR C 238 -5.52 -1.91 -28.68
C TYR C 238 -6.76 -1.17 -28.22
N CYS C 239 -6.59 -0.03 -27.55
CA CYS C 239 -7.73 0.80 -27.17
C CYS C 239 -8.45 1.35 -28.40
N ALA C 240 -7.70 1.66 -29.47
CA ALA C 240 -8.35 2.11 -30.70
C ALA C 240 -9.18 1.01 -31.32
N ILE C 241 -8.64 -0.22 -31.35
CA ILE C 241 -9.41 -1.35 -31.86
C ILE C 241 -10.64 -1.59 -31.01
N ALA C 242 -10.53 -1.39 -29.70
CA ALA C 242 -11.69 -1.55 -28.83
C ALA C 242 -12.74 -0.47 -29.10
N HIS C 243 -12.30 0.77 -29.31
CA HIS C 243 -13.22 1.83 -29.68
C HIS C 243 -13.96 1.48 -30.96
N GLU C 244 -13.23 1.01 -31.97
CA GLU C 244 -13.88 0.62 -33.23
C GLU C 244 -14.82 -0.56 -33.02
N ARG C 245 -14.40 -1.55 -32.22
CA ARG C 245 -15.21 -2.74 -32.00
C ARG C 245 -16.52 -2.40 -31.32
N VAL C 246 -16.50 -1.45 -30.38
CA VAL C 246 -17.72 -1.10 -29.67
C VAL C 246 -18.57 -0.13 -30.48
N ASN C 247 -17.93 0.79 -31.21
CA ASN C 247 -18.68 1.83 -31.91
C ASN C 247 -19.36 1.28 -33.16
N ALA C 248 -18.74 0.31 -33.82
CA ALA C 248 -19.32 -0.29 -35.01
C ALA C 248 -20.55 -1.14 -34.72
N LEU C 249 -20.99 -1.22 -33.47
CA LEU C 249 -22.15 -2.02 -33.12
C LEU C 249 -23.43 -1.25 -33.47
N HIS D 8 -2.62 -56.32 -4.67
CA HIS D 8 -2.36 -56.54 -3.24
C HIS D 8 -3.48 -55.89 -2.43
N ASN D 9 -4.20 -56.72 -1.68
CA ASN D 9 -5.25 -56.24 -0.77
C ASN D 9 -4.57 -55.74 0.50
N ARG D 10 -4.21 -54.45 0.50
CA ARG D 10 -3.50 -53.83 1.61
C ARG D 10 -3.80 -52.34 1.61
N ASP D 11 -3.30 -51.65 2.63
CA ASP D 11 -3.24 -50.19 2.64
C ASP D 11 -1.87 -49.78 2.14
N PHE D 12 -1.84 -48.85 1.18
CA PHE D 12 -0.56 -48.41 0.63
C PHE D 12 0.24 -47.62 1.66
N LEU D 13 -0.43 -46.77 2.43
CA LEU D 13 0.28 -45.87 3.34
C LEU D 13 1.07 -46.63 4.40
N THR D 14 0.62 -47.84 4.69
CA THR D 14 1.32 -48.68 5.67
C THR D 14 2.35 -49.49 4.92
N ASP D 15 1.91 -50.18 3.88
CA ASP D 15 2.83 -51.03 3.06
C ASP D 15 3.66 -50.11 2.15
N ALA D 16 3.99 -48.91 2.63
CA ALA D 16 4.81 -47.96 1.86
C ALA D 16 6.28 -48.12 2.24
N ALA D 17 6.67 -49.33 2.66
CA ALA D 17 8.04 -49.53 3.14
C ALA D 17 8.60 -50.82 2.54
N HIS D 18 7.76 -51.84 2.42
CA HIS D 18 8.20 -53.10 1.76
C HIS D 18 8.51 -52.78 0.30
N LEU D 19 8.02 -51.62 -0.15
CA LEU D 19 8.27 -51.19 -1.54
C LEU D 19 9.71 -50.68 -1.65
N PRO D 20 10.55 -51.28 -2.51
CA PRO D 20 11.88 -50.75 -2.72
C PRO D 20 11.70 -49.32 -3.16
N ASP D 21 12.44 -48.41 -2.54
CA ASP D 21 12.38 -46.99 -2.97
C ASP D 21 13.04 -46.85 -4.34
N SER D 23 11.95 -47.44 -7.37
CA SER D 23 11.77 -48.74 -8.06
C SER D 23 10.59 -48.64 -9.03
N ILE D 24 9.84 -47.56 -8.95
CA ILE D 24 8.62 -47.41 -9.80
C ILE D 24 8.92 -46.39 -10.92
N ASP D 25 8.48 -46.68 -12.14
CA ASP D 25 8.68 -45.74 -13.27
C ASP D 25 7.51 -44.77 -13.31
N LEU D 26 6.34 -45.26 -13.69
CA LEU D 26 5.12 -44.41 -13.77
C LEU D 26 4.29 -44.57 -12.49
N ILE D 27 3.95 -43.47 -11.83
CA ILE D 27 3.04 -43.56 -10.64
C ILE D 27 1.65 -43.04 -11.05
N VAL D 28 0.80 -43.91 -11.59
CA VAL D 28 -0.60 -43.52 -11.89
C VAL D 28 -1.33 -43.43 -10.56
N ALA D 29 -2.25 -42.48 -10.39
CA ALA D 29 -2.88 -42.36 -9.05
C ALA D 29 -4.28 -41.75 -9.12
N ASP D 30 -5.32 -42.53 -8.84
CA ASP D 30 -6.68 -41.96 -8.72
C ASP D 30 -7.08 -42.08 -7.24
N PRO D 31 -6.63 -41.16 -6.37
CA PRO D 31 -6.91 -41.30 -4.96
C PRO D 31 -8.23 -40.66 -4.60
N PRO D 32 -8.78 -40.92 -3.40
CA PRO D 32 -9.98 -40.23 -2.98
C PRO D 32 -9.81 -38.78 -3.31
N TYR D 33 -10.88 -38.14 -3.79
CA TYR D 33 -10.81 -36.73 -4.20
C TYR D 33 -11.17 -35.83 -3.05
N GLY D 34 -12.06 -36.30 -2.17
CA GLY D 34 -12.53 -35.47 -1.04
C GLY D 34 -14.02 -35.26 -1.11
N LEU D 35 -14.69 -35.95 -2.03
CA LEU D 35 -16.17 -35.83 -2.18
C LEU D 35 -16.84 -37.07 -1.59
N GLY D 36 -17.95 -36.89 -0.87
CA GLY D 36 -18.62 -38.03 -0.19
C GLY D 36 -18.82 -39.22 -1.11
N LYS D 37 -18.63 -40.43 -0.58
CA LYS D 37 -18.74 -41.65 -1.42
C LYS D 37 -18.72 -42.93 -0.60
N ASP D 38 -19.13 -44.05 -1.21
CA ASP D 38 -19.06 -45.37 -0.53
C ASP D 38 -18.04 -46.22 -1.29
N TYR D 39 -17.27 -47.03 -0.56
CA TYR D 39 -16.21 -47.84 -1.20
C TYR D 39 -16.01 -49.10 -0.40
N GLY D 40 -16.89 -49.34 0.58
CA GLY D 40 -16.66 -50.47 1.49
C GLY D 40 -15.77 -49.99 2.61
N ASN D 41 -15.35 -48.73 2.50
CA ASN D 41 -14.48 -48.10 3.53
C ASN D 41 -14.97 -46.66 3.69
N ASP D 42 -14.13 -45.81 4.26
CA ASP D 42 -14.53 -44.40 4.49
C ASP D 42 -13.31 -43.53 4.25
N SER D 43 -12.86 -43.46 3.00
CA SER D 43 -11.63 -42.68 2.69
C SER D 43 -11.99 -41.38 1.95
N ASP D 44 -13.29 -41.14 1.68
CA ASP D 44 -13.67 -39.95 0.87
C ASP D 44 -14.40 -38.90 1.73
N LYS D 45 -15.04 -39.32 2.83
CA LYS D 45 -15.68 -38.31 3.72
C LYS D 45 -14.54 -37.45 4.30
N ARG D 46 -13.34 -38.02 4.41
CA ARG D 46 -12.18 -37.21 4.85
C ARG D 46 -12.04 -36.04 3.88
N SER D 47 -12.36 -34.83 4.33
CA SER D 47 -12.30 -33.65 3.45
C SER D 47 -11.58 -32.50 4.15
N GLY D 48 -11.51 -31.32 3.51
CA GLY D 48 -10.84 -30.15 4.12
C GLY D 48 -9.33 -30.33 4.22
N ASP D 49 -8.69 -29.50 5.02
CA ASP D 49 -7.23 -29.63 5.25
C ASP D 49 -6.93 -31.06 5.73
N ASP D 50 -7.89 -31.67 6.43
CA ASP D 50 -7.73 -33.06 6.92
C ASP D 50 -7.37 -33.96 5.73
N PHE D 51 -8.14 -33.85 4.65
CA PHE D 51 -7.88 -34.67 3.43
C PHE D 51 -6.53 -34.28 2.85
N LEU D 52 -6.33 -32.99 2.65
CA LEU D 52 -5.06 -32.51 2.05
C LEU D 52 -3.88 -33.07 2.85
N ALA D 53 -3.95 -33.02 4.18
CA ALA D 53 -2.87 -33.60 5.00
C ALA D 53 -2.64 -35.06 4.60
N TRP D 54 -3.69 -35.88 4.70
CA TRP D 54 -3.56 -37.33 4.36
C TRP D 54 -2.98 -37.46 2.96
N THR D 55 -3.39 -36.58 2.04
CA THR D 55 -2.85 -36.62 0.67
C THR D 55 -1.38 -36.32 0.74
N ARG D 56 -1.02 -35.14 1.22
CA ARG D 56 0.42 -34.79 1.38
C ARG D 56 1.15 -36.00 1.96
N GLU D 57 0.54 -36.64 2.96
CA GLU D 57 1.18 -37.81 3.61
C GLU D 57 1.53 -38.87 2.56
N TRP D 58 0.52 -39.50 1.96
CA TRP D 58 0.84 -40.61 1.04
C TRP D 58 1.71 -40.11 -0.12
N LEU D 59 1.59 -38.83 -0.45
CA LEU D 59 2.46 -38.26 -1.51
C LEU D 59 3.91 -38.31 -1.02
N GLU D 60 4.18 -37.68 0.13
CA GLU D 60 5.55 -37.66 0.69
C GLU D 60 6.09 -39.09 0.73
N LEU D 61 5.19 -40.05 0.89
CA LEU D 61 5.61 -41.47 1.01
C LEU D 61 5.84 -42.04 -0.38
N ALA D 62 5.10 -41.57 -1.38
CA ALA D 62 5.19 -42.16 -2.73
C ALA D 62 6.45 -41.70 -3.46
N ILE D 63 6.57 -40.40 -3.72
CA ILE D 63 7.72 -39.86 -4.51
C ILE D 63 8.96 -40.75 -4.37
N PRO D 64 9.56 -40.97 -3.18
CA PRO D 64 10.78 -41.75 -3.10
C PRO D 64 10.83 -43.04 -3.91
N LYS D 65 9.69 -43.67 -4.18
CA LYS D 65 9.69 -44.97 -4.88
C LYS D 65 9.85 -44.77 -6.40
N LEU D 66 10.14 -43.55 -6.85
CA LEU D 66 10.17 -43.30 -8.30
C LEU D 66 11.60 -43.27 -8.84
N LYS D 67 11.84 -43.93 -9.96
CA LYS D 67 13.19 -43.95 -10.59
C LYS D 67 13.45 -42.58 -11.26
N PRO D 68 14.70 -42.23 -11.65
CA PRO D 68 14.99 -40.92 -12.25
C PRO D 68 14.33 -40.71 -13.59
N SER D 69 14.06 -41.78 -14.34
CA SER D 69 13.27 -41.70 -15.55
C SER D 69 11.78 -41.77 -15.26
N GLY D 70 11.38 -41.48 -14.03
CA GLY D 70 10.02 -41.72 -13.57
C GLY D 70 9.10 -40.53 -13.72
N SER D 71 7.82 -40.83 -13.88
CA SER D 71 6.78 -39.82 -13.94
C SER D 71 5.72 -40.14 -12.90
N MET D 72 4.68 -39.32 -12.86
CA MET D 72 3.62 -39.46 -11.88
C MET D 72 2.36 -38.79 -12.39
N TYR D 73 1.26 -39.54 -12.41
CA TYR D 73 -0.05 -39.05 -12.77
C TYR D 73 -0.93 -39.05 -11.52
N ILE D 74 -1.63 -37.94 -11.28
CA ILE D 74 -2.54 -37.88 -10.14
C ILE D 74 -3.89 -37.34 -10.59
N PHE D 75 -4.97 -38.00 -10.15
CA PHE D 75 -6.33 -37.48 -10.43
C PHE D 75 -6.76 -36.65 -9.23
N CYS D 76 -7.23 -35.42 -9.45
CA CYS D 76 -7.68 -34.53 -8.34
C CYS D 76 -8.94 -33.76 -8.76
N THR D 77 -9.76 -33.34 -7.78
CA THR D 77 -11.00 -32.60 -8.09
C THR D 77 -10.70 -31.12 -8.14
N TRP D 78 -11.33 -30.40 -9.07
CA TRP D 78 -10.99 -28.96 -9.21
C TRP D 78 -11.04 -28.29 -7.85
N GLN D 79 -11.70 -28.92 -6.87
CA GLN D 79 -11.91 -28.26 -5.55
C GLN D 79 -10.57 -28.11 -4.81
N TYR D 80 -9.83 -29.20 -4.65
CA TYR D 80 -8.57 -29.19 -3.86
C TYR D 80 -7.36 -29.20 -4.80
N ALA D 81 -7.61 -29.38 -6.09
CA ALA D 81 -6.48 -29.49 -7.06
C ALA D 81 -5.45 -28.39 -6.85
N PRO D 82 -5.73 -27.08 -7.02
CA PRO D 82 -4.63 -26.10 -6.88
C PRO D 82 -3.66 -26.41 -5.75
N GLU D 83 -4.17 -26.75 -4.56
CA GLU D 83 -3.28 -26.88 -3.41
C GLU D 83 -2.37 -28.10 -3.55
N ILE D 84 -2.92 -29.24 -3.98
CA ILE D 84 -2.09 -30.42 -4.20
C ILE D 84 -1.09 -30.18 -5.31
N PHE D 85 -1.53 -29.61 -6.43
CA PHE D 85 -0.61 -29.35 -7.55
C PHE D 85 0.54 -28.45 -7.10
N SER D 86 0.21 -27.33 -6.47
CA SER D 86 1.20 -26.40 -5.95
C SER D 86 2.19 -27.11 -5.04
N PHE D 87 1.68 -27.92 -4.11
CA PHE D 87 2.56 -28.71 -3.25
C PHE D 87 3.52 -29.56 -4.08
N LEU D 88 2.98 -30.35 -5.00
CA LEU D 88 3.80 -31.28 -5.78
C LEU D 88 4.81 -30.57 -6.68
N LYS D 89 4.63 -29.27 -6.95
CA LYS D 89 5.61 -28.58 -7.78
C LYS D 89 6.90 -28.28 -7.01
N THR D 90 6.82 -28.14 -5.69
CA THR D 90 8.03 -27.89 -4.91
C THR D 90 8.91 -29.13 -4.78
N GLN D 91 8.41 -30.31 -5.16
CA GLN D 91 9.18 -31.54 -5.14
C GLN D 91 9.46 -32.07 -6.54
N LEU D 92 8.44 -32.16 -7.38
CA LEU D 92 8.56 -32.60 -8.76
C LEU D 92 8.23 -31.45 -9.69
N THR D 93 8.44 -31.67 -10.98
CA THR D 93 8.12 -30.68 -12.01
C THR D 93 6.85 -31.11 -12.74
N MET D 94 5.90 -30.18 -12.86
CA MET D 94 4.68 -30.47 -13.61
C MET D 94 4.98 -30.34 -15.09
N VAL D 95 5.05 -31.48 -15.77
CA VAL D 95 5.14 -31.45 -17.23
C VAL D 95 3.81 -30.98 -17.81
N ASN D 96 2.70 -31.51 -17.31
CA ASN D 96 1.43 -31.17 -17.93
C ASN D 96 0.29 -31.23 -16.92
N GLU D 97 -0.77 -30.51 -17.25
CA GLU D 97 -2.05 -30.57 -16.54
C GLU D 97 -3.07 -31.12 -17.53
N ILE D 98 -3.34 -32.41 -17.44
CA ILE D 98 -4.31 -33.04 -18.33
C ILE D 98 -5.71 -32.82 -17.77
N ILE D 99 -6.68 -32.60 -18.65
CA ILE D 99 -8.05 -32.37 -18.24
C ILE D 99 -8.88 -33.49 -18.85
N TRP D 100 -9.43 -34.36 -18.01
CA TRP D 100 -10.31 -35.42 -18.50
C TRP D 100 -11.71 -34.86 -18.61
N ASP D 101 -12.17 -34.68 -19.84
CA ASP D 101 -13.54 -34.30 -20.16
C ASP D 101 -14.37 -35.58 -20.09
N ARG D 102 -15.08 -35.76 -18.99
CA ARG D 102 -15.91 -36.95 -18.80
C ARG D 102 -17.15 -36.95 -19.68
N ARG D 103 -17.27 -35.93 -20.54
CA ARG D 103 -18.39 -35.83 -21.51
C ARG D 103 -19.74 -35.78 -20.78
N VAL D 104 -20.10 -36.85 -20.09
CA VAL D 104 -21.36 -36.88 -19.31
C VAL D 104 -21.14 -36.11 -18.00
N PRO D 105 -21.96 -35.10 -17.67
CA PRO D 105 -21.69 -34.29 -16.49
C PRO D 105 -22.11 -34.93 -15.19
N SER D 106 -22.04 -34.15 -14.12
CA SER D 106 -22.41 -34.66 -12.77
C SER D 106 -23.84 -34.25 -12.46
N MET D 107 -24.53 -35.02 -11.62
CA MET D 107 -25.97 -34.75 -11.37
C MET D 107 -26.20 -34.18 -9.97
N GLY D 108 -27.38 -33.64 -9.71
CA GLY D 108 -27.71 -32.99 -8.46
C GLY D 108 -29.00 -32.19 -8.57
N GLY D 109 -28.97 -31.11 -9.34
CA GLY D 109 -30.14 -30.28 -9.53
C GLY D 109 -29.85 -28.81 -9.23
N THR D 110 -28.60 -28.41 -9.39
CA THR D 110 -28.17 -27.06 -9.06
C THR D 110 -28.35 -26.12 -10.25
N THR D 111 -28.69 -24.87 -9.94
CA THR D 111 -28.77 -23.81 -10.94
C THR D 111 -27.91 -22.62 -10.54
N ARG D 112 -26.93 -22.84 -9.66
CA ARG D 112 -26.11 -21.77 -9.10
C ARG D 112 -24.66 -21.82 -9.57
N ARG D 113 -24.32 -22.77 -10.44
CA ARG D 113 -22.95 -22.92 -10.91
C ARG D 113 -22.95 -23.81 -12.14
N PHE D 114 -21.93 -23.64 -12.97
CA PHE D 114 -21.74 -24.52 -14.12
C PHE D 114 -21.42 -25.93 -13.63
N THR D 115 -22.04 -26.92 -14.28
CA THR D 115 -21.92 -28.30 -13.84
C THR D 115 -20.51 -28.83 -14.08
N SER D 116 -20.05 -29.67 -13.16
CA SER D 116 -18.73 -30.29 -13.31
C SER D 116 -18.78 -31.39 -14.37
N VAL D 117 -17.84 -31.34 -15.31
CA VAL D 117 -17.78 -32.32 -16.39
C VAL D 117 -16.32 -32.61 -16.68
N HIS D 118 -15.43 -32.23 -15.77
CA HIS D 118 -14.00 -32.39 -15.97
C HIS D 118 -13.30 -32.75 -14.67
N ASP D 119 -12.34 -33.66 -14.77
CA ASP D 119 -11.41 -33.96 -13.68
C ASP D 119 -10.01 -33.49 -14.06
N ASN D 120 -9.21 -33.16 -13.05
CA ASN D 120 -7.86 -32.67 -13.29
C ASN D 120 -6.85 -33.80 -13.10
N ILE D 121 -5.80 -33.80 -13.90
CA ILE D 121 -4.74 -34.78 -13.84
C ILE D 121 -3.42 -34.02 -13.82
N GLY D 122 -2.56 -34.36 -12.86
CA GLY D 122 -1.24 -33.80 -12.79
C GLY D 122 -0.22 -34.78 -13.34
N PHE D 123 0.51 -34.35 -14.38
CA PHE D 123 1.64 -35.08 -14.94
C PHE D 123 2.92 -34.42 -14.46
N PHE D 124 3.52 -35.06 -13.46
CA PHE D 124 4.72 -34.61 -12.78
C PHE D 124 5.88 -35.53 -13.12
N ALA D 125 7.09 -35.01 -13.04
CA ALA D 125 8.28 -35.80 -13.29
C ALA D 125 9.33 -35.51 -12.22
N VAL D 126 10.21 -36.48 -11.99
CA VAL D 126 11.30 -36.27 -11.04
C VAL D 126 12.35 -35.35 -11.63
N SER D 127 12.65 -35.52 -12.92
CA SER D 127 13.69 -34.74 -13.57
C SER D 127 13.28 -34.49 -15.02
N ARG D 128 14.09 -33.71 -15.72
CA ARG D 128 13.85 -33.43 -17.13
C ARG D 128 14.12 -34.64 -18.01
N ALA D 129 14.64 -35.73 -17.46
CA ALA D 129 14.92 -36.94 -18.20
C ALA D 129 13.89 -38.03 -17.95
N TYR D 130 12.63 -37.65 -17.75
CA TYR D 130 11.57 -38.63 -17.57
C TYR D 130 11.32 -39.39 -18.86
N TYR D 131 10.84 -40.63 -18.76
CA TYR D 131 10.52 -41.41 -19.99
C TYR D 131 9.22 -40.88 -20.60
N PHE D 132 9.17 -40.74 -21.93
CA PHE D 132 7.92 -40.33 -22.62
C PHE D 132 7.96 -40.79 -24.07
N ASP D 133 7.08 -41.71 -24.43
CA ASP D 133 6.99 -42.15 -25.86
C ASP D 133 5.63 -41.73 -26.41
N LEU D 134 5.61 -40.72 -27.28
CA LEU D 134 4.32 -40.26 -27.86
C LEU D 134 3.84 -41.27 -28.91
N ASP D 135 4.76 -42.02 -29.51
CA ASP D 135 4.37 -42.93 -30.62
C ASP D 135 3.18 -43.80 -30.21
N PRO D 136 3.26 -44.71 -29.22
CA PRO D 136 2.15 -45.60 -28.94
C PRO D 136 0.90 -44.86 -28.54
N VAL D 137 0.98 -43.53 -28.44
CA VAL D 137 -0.18 -42.74 -27.93
C VAL D 137 -0.75 -41.85 -29.05
N ARG D 138 0.04 -41.54 -30.07
CA ARG D 138 -0.43 -40.64 -31.16
C ARG D 138 -1.78 -41.14 -31.65
N ILE D 139 -2.70 -40.21 -31.96
CA ILE D 139 -4.08 -40.61 -32.35
C ILE D 139 -4.17 -40.82 -33.86
N PRO D 140 -4.33 -42.07 -34.34
CA PRO D 140 -4.37 -42.34 -35.78
C PRO D 140 -5.46 -41.57 -36.51
N TYR D 141 -5.05 -40.68 -37.41
CA TYR D 141 -6.04 -39.94 -38.22
C TYR D 141 -6.72 -40.92 -39.11
N ASP D 142 -8.02 -40.68 -39.32
CA ASP D 142 -8.84 -41.55 -40.19
C ASP D 142 -8.93 -40.86 -41.54
N ALA D 143 -9.36 -41.59 -42.56
CA ALA D 143 -9.36 -41.02 -43.93
C ALA D 143 -9.91 -39.63 -44.16
N ASP D 144 -11.22 -39.51 -43.99
CA ASP D 144 -11.85 -38.17 -44.14
C ASP D 144 -11.10 -37.16 -43.27
N THR D 145 -10.91 -37.45 -41.98
CA THR D 145 -10.28 -36.41 -41.15
C THR D 145 -8.85 -36.22 -41.62
N LYS D 146 -8.19 -37.29 -42.04
CA LYS D 146 -6.83 -37.10 -42.59
C LYS D 146 -6.99 -36.17 -43.79
N LYS D 147 -7.79 -36.62 -44.76
CA LYS D 147 -7.96 -35.81 -46.00
C LYS D 147 -8.18 -34.34 -45.63
N ALA D 148 -8.82 -34.08 -44.49
CA ALA D 148 -9.11 -32.69 -44.09
C ALA D 148 -7.82 -31.95 -43.77
N ARG D 149 -7.15 -32.32 -42.68
CA ARG D 149 -5.94 -31.56 -42.25
C ARG D 149 -4.82 -31.78 -43.26
N SER D 150 -4.98 -32.79 -44.13
CA SER D 150 -3.92 -33.12 -45.11
C SER D 150 -3.70 -31.80 -45.86
N ARG D 151 -2.50 -31.23 -45.77
CA ARG D 151 -2.20 -30.00 -46.55
C ARG D 151 -0.76 -30.25 -47.02
N LYS D 152 -0.32 -29.55 -48.07
CA LYS D 152 1.03 -29.78 -48.63
C LYS D 152 2.09 -29.62 -47.52
N LEU D 153 2.03 -28.53 -46.75
CA LEU D 153 3.08 -28.27 -45.74
C LEU D 153 3.08 -29.44 -44.75
N PHE D 154 1.95 -30.16 -44.64
CA PHE D 154 1.84 -31.21 -43.60
C PHE D 154 2.15 -32.59 -44.15
N GLU D 155 1.84 -32.83 -45.42
CA GLU D 155 2.17 -34.13 -46.05
C GLU D 155 3.53 -34.61 -45.53
N GLY D 156 3.55 -35.75 -44.82
CA GLY D 156 4.80 -36.30 -44.28
C GLY D 156 4.83 -36.20 -42.77
N SER D 157 4.43 -35.05 -42.24
CA SER D 157 4.48 -34.82 -40.78
C SER D 157 3.91 -36.03 -40.04
N LYS D 158 4.66 -36.56 -39.08
CA LYS D 158 4.20 -37.75 -38.33
C LYS D 158 2.84 -37.42 -37.71
N TRP D 159 2.68 -36.15 -37.30
CA TRP D 159 1.41 -35.75 -36.67
C TRP D 159 0.26 -36.03 -37.62
N LEU D 160 0.51 -35.97 -38.93
CA LEU D 160 -0.57 -36.18 -39.92
C LEU D 160 -0.55 -37.64 -40.37
N GLU D 161 0.64 -38.25 -40.34
CA GLU D 161 0.75 -39.65 -40.83
C GLU D 161 0.35 -40.61 -39.71
N MET D 162 1.28 -40.90 -38.79
CA MET D 162 1.01 -41.85 -37.70
C MET D 162 -0.19 -41.36 -36.87
N GLY D 163 -0.07 -40.16 -36.31
CA GLY D 163 -1.17 -39.62 -35.49
C GLY D 163 -0.80 -38.35 -34.74
N TYR D 164 -1.79 -37.70 -34.12
CA TYR D 164 -1.53 -36.40 -33.44
C TYR D 164 -1.40 -36.60 -31.94
N ASN D 165 -0.98 -35.54 -31.26
CA ASN D 165 -0.79 -35.62 -29.78
C ASN D 165 -2.15 -35.72 -29.11
N PRO D 166 -2.35 -36.65 -28.16
CA PRO D 166 -3.60 -36.72 -27.42
C PRO D 166 -3.96 -35.41 -26.75
N LYS D 167 -2.99 -34.48 -26.60
CA LYS D 167 -3.24 -33.14 -26.02
C LYS D 167 -3.49 -33.20 -24.51
N ASP D 168 -3.69 -32.05 -23.87
CA ASP D 168 -3.90 -31.98 -22.40
C ASP D 168 -5.39 -32.02 -22.07
N VAL D 169 -6.24 -32.14 -23.09
CA VAL D 169 -7.70 -32.31 -22.84
C VAL D 169 -8.09 -33.67 -23.43
N TRP D 170 -8.41 -34.62 -22.56
CA TRP D 170 -8.81 -35.96 -23.04
C TRP D 170 -10.33 -36.08 -22.96
N SER D 171 -11.01 -36.00 -24.10
CA SER D 171 -12.49 -36.02 -24.11
C SER D 171 -13.00 -37.46 -24.15
N VAL D 172 -12.76 -38.22 -23.10
CA VAL D 172 -13.24 -39.63 -23.05
C VAL D 172 -14.49 -39.69 -22.17
N SER D 173 -15.56 -40.29 -22.70
CA SER D 173 -16.86 -40.32 -21.96
C SER D 173 -16.74 -41.18 -20.69
N ARG D 174 -17.45 -40.78 -19.64
CA ARG D 174 -17.46 -41.61 -18.40
C ARG D 174 -18.15 -42.94 -18.72
N LEU D 175 -17.81 -43.99 -17.97
CA LEU D 175 -18.37 -45.33 -18.25
C LEU D 175 -19.80 -45.42 -17.71
N HIS D 176 -20.77 -45.71 -18.57
CA HIS D 176 -22.17 -45.88 -18.13
C HIS D 176 -22.28 -47.19 -17.35
N ARG D 177 -23.26 -47.29 -16.45
CA ARG D 177 -23.32 -48.51 -15.62
C ARG D 177 -23.52 -49.71 -16.57
N GLN D 178 -24.06 -49.47 -17.77
CA GLN D 178 -24.34 -50.58 -18.71
C GLN D 178 -23.14 -50.74 -19.65
N HIS D 179 -22.20 -49.81 -19.62
CA HIS D 179 -20.96 -50.00 -20.43
C HIS D 179 -20.38 -51.36 -20.06
N ALA D 180 -19.93 -52.12 -21.05
CA ALA D 180 -19.38 -53.46 -20.78
C ALA D 180 -18.15 -53.33 -19.90
N GLU D 181 -17.37 -52.28 -20.11
CA GLU D 181 -16.12 -52.08 -19.34
C GLU D 181 -16.47 -51.77 -17.87
N ARG D 182 -17.70 -51.34 -17.61
CA ARG D 182 -18.07 -50.93 -16.23
C ARG D 182 -18.13 -52.14 -15.30
N VAL D 183 -17.54 -52.02 -14.10
CA VAL D 183 -17.65 -53.11 -13.09
C VAL D 183 -18.22 -52.49 -11.82
N ASP D 184 -18.43 -53.29 -10.77
CA ASP D 184 -19.08 -52.78 -9.53
C ASP D 184 -18.10 -51.85 -8.79
N HIS D 185 -17.69 -50.74 -9.42
CA HIS D 185 -16.83 -49.77 -8.71
C HIS D 185 -17.44 -48.39 -8.95
N PRO D 186 -17.72 -47.64 -7.87
CA PRO D 186 -18.37 -46.35 -8.02
C PRO D 186 -17.63 -45.36 -8.90
N THR D 187 -16.32 -45.26 -8.73
CA THR D 187 -15.55 -44.25 -9.48
C THR D 187 -14.60 -44.93 -10.42
N GLN D 188 -15.11 -45.86 -11.21
CA GLN D 188 -14.26 -46.57 -12.20
C GLN D 188 -13.71 -45.54 -13.20
N LYS D 189 -12.45 -45.68 -13.61
CA LYS D 189 -11.86 -44.78 -14.63
C LYS D 189 -11.72 -45.55 -15.94
N PRO D 190 -11.97 -44.93 -17.11
CA PRO D 190 -11.88 -45.63 -18.38
C PRO D 190 -10.49 -46.15 -18.73
N LEU D 191 -10.42 -47.33 -19.35
CA LEU D 191 -9.12 -47.93 -19.72
C LEU D 191 -8.41 -47.01 -20.73
N GLU D 192 -9.14 -46.51 -21.72
CA GLU D 192 -8.51 -45.65 -22.75
C GLU D 192 -7.51 -44.68 -22.11
N ILE D 193 -7.99 -43.83 -21.20
CA ILE D 193 -7.07 -42.78 -20.64
C ILE D 193 -5.93 -43.44 -19.88
N ILE D 194 -6.20 -44.52 -19.16
CA ILE D 194 -5.15 -45.12 -18.29
C ILE D 194 -4.11 -45.80 -19.18
N GLU D 195 -4.54 -46.60 -20.14
CA GLU D 195 -3.57 -47.21 -21.09
C GLU D 195 -2.66 -46.10 -21.61
N ARG D 196 -3.22 -45.01 -22.11
CA ARG D 196 -2.39 -43.87 -22.58
C ARG D 196 -1.31 -43.58 -21.55
N MET D 197 -1.72 -43.25 -20.33
CA MET D 197 -0.73 -42.84 -19.28
C MET D 197 0.41 -43.84 -19.24
N VAL D 198 0.07 -45.13 -19.21
CA VAL D 198 1.11 -46.19 -19.17
C VAL D 198 1.89 -46.17 -20.48
N LEU D 199 1.20 -46.35 -21.61
CA LEU D 199 1.89 -46.43 -22.92
C LEU D 199 2.82 -45.23 -23.10
N ALA D 200 2.48 -44.10 -22.48
CA ALA D 200 3.28 -42.87 -22.71
C ALA D 200 4.43 -42.78 -21.73
N SER D 201 4.20 -43.16 -20.48
CA SER D 201 5.26 -42.93 -19.46
C SER D 201 5.77 -44.23 -18.84
N CYS D 202 5.66 -45.36 -19.53
CA CYS D 202 6.26 -46.57 -18.98
C CYS D 202 6.71 -47.47 -20.12
N PRO D 203 7.99 -47.84 -20.17
CA PRO D 203 8.48 -48.69 -21.25
C PRO D 203 7.98 -50.12 -21.08
N PRO D 204 7.73 -50.83 -22.19
CA PRO D 204 7.40 -52.27 -22.09
C PRO D 204 8.37 -53.02 -21.20
N GLY D 205 7.86 -53.55 -20.08
CA GLY D 205 8.67 -54.20 -19.08
C GLY D 205 8.85 -53.42 -17.80
N GLY D 206 8.19 -52.28 -17.65
CA GLY D 206 8.35 -51.46 -16.47
C GLY D 206 7.32 -51.74 -15.38
N ARG D 207 7.54 -51.12 -14.22
CA ARG D 207 6.76 -51.37 -13.02
C ARG D 207 5.91 -50.15 -12.70
N VAL D 208 4.64 -50.17 -13.14
CA VAL D 208 3.69 -49.12 -12.80
C VAL D 208 3.19 -49.32 -11.38
N LEU D 209 2.90 -48.23 -10.68
CA LEU D 209 2.39 -48.28 -9.31
C LEU D 209 1.03 -47.59 -9.24
N ASP D 210 0.06 -48.29 -8.67
CA ASP D 210 -1.26 -47.67 -8.44
C ASP D 210 -1.60 -47.89 -6.97
N PRO D 211 -1.27 -46.95 -6.07
CA PRO D 211 -1.55 -47.10 -4.64
C PRO D 211 -3.03 -47.26 -4.35
N PHE D 212 -3.88 -46.74 -5.22
CA PHE D 212 -5.33 -46.79 -5.08
C PHE D 212 -5.90 -47.20 -6.44
N MET D 213 -5.91 -48.52 -6.69
CA MET D 213 -6.27 -49.06 -7.99
C MET D 213 -7.75 -49.37 -8.12
N GLY D 214 -8.43 -49.64 -7.00
CA GLY D 214 -9.84 -49.94 -7.01
C GLY D 214 -10.23 -51.05 -7.95
N SER D 215 -10.99 -50.71 -9.00
CA SER D 215 -11.42 -51.69 -10.00
C SER D 215 -10.25 -52.31 -10.75
N GLY D 216 -9.02 -51.85 -10.53
CA GLY D 216 -7.88 -52.43 -11.20
C GLY D 216 -7.79 -52.11 -12.68
N THR D 217 -8.28 -50.94 -13.09
CA THR D 217 -8.19 -50.55 -14.49
C THR D 217 -6.75 -50.48 -14.96
N THR D 218 -5.88 -49.89 -14.13
CA THR D 218 -4.46 -49.82 -14.49
C THR D 218 -3.82 -51.19 -14.52
N ALA D 219 -4.35 -52.14 -13.73
CA ALA D 219 -3.87 -53.51 -13.81
C ALA D 219 -4.12 -54.07 -15.21
N VAL D 220 -5.36 -53.98 -15.69
CA VAL D 220 -5.69 -54.40 -17.04
C VAL D 220 -4.86 -53.64 -18.06
N ALA D 221 -4.50 -52.40 -17.75
CA ALA D 221 -3.67 -51.62 -18.68
C ALA D 221 -2.24 -52.15 -18.73
N CYS D 222 -1.71 -52.62 -17.59
CA CYS D 222 -0.36 -53.17 -17.57
C CYS D 222 -0.32 -54.51 -18.29
N ALA D 223 -1.37 -55.30 -18.16
CA ALA D 223 -1.57 -56.42 -19.05
C ALA D 223 -1.83 -55.89 -20.46
N ARG D 224 -2.05 -56.81 -21.42
CA ARG D 224 -2.25 -56.47 -22.82
C ARG D 224 -1.07 -55.71 -23.41
N GLN D 225 -0.40 -54.88 -22.61
CA GLN D 225 0.70 -54.04 -23.06
C GLN D 225 2.05 -54.47 -22.50
N GLY D 226 2.09 -55.49 -21.65
CA GLY D 226 3.34 -56.04 -21.19
C GLY D 226 4.14 -55.13 -20.27
N ARG D 227 3.55 -54.72 -19.15
CA ARG D 227 4.24 -53.93 -18.14
C ARG D 227 3.89 -54.49 -16.77
N ASP D 228 4.85 -54.41 -15.85
CA ASP D 228 4.64 -54.91 -14.50
C ASP D 228 3.75 -53.95 -13.71
N PHE D 229 3.08 -54.48 -12.70
CA PHE D 229 2.12 -53.68 -11.94
C PHE D 229 2.20 -53.97 -10.45
N VAL D 230 2.33 -52.92 -9.66
CA VAL D 230 2.22 -52.95 -8.21
C VAL D 230 0.98 -52.14 -7.85
N GLY D 231 0.10 -52.71 -7.03
CA GLY D 231 -1.14 -52.01 -6.73
C GLY D 231 -1.76 -52.39 -5.40
N TYR D 232 -2.31 -51.40 -4.71
CA TYR D 232 -2.84 -51.57 -3.35
C TYR D 232 -4.32 -51.26 -3.31
N GLU D 233 -5.07 -52.10 -2.59
CA GLU D 233 -6.50 -51.86 -2.38
C GLU D 233 -6.92 -52.36 -1.01
N ILE D 234 -7.76 -51.59 -0.33
CA ILE D 234 -8.28 -52.01 0.96
C ILE D 234 -9.50 -52.91 0.78
N ASN D 235 -10.45 -52.48 -0.04
CA ASN D 235 -11.67 -53.25 -0.29
C ASN D 235 -11.33 -54.60 -0.92
N GLU D 236 -11.78 -55.68 -0.27
CA GLU D 236 -11.51 -57.01 -0.80
C GLU D 236 -12.30 -57.25 -2.09
N TYR D 238 -13.17 -55.27 -4.33
CA TYR D 238 -12.50 -54.63 -5.45
C TYR D 238 -11.30 -55.45 -5.92
N CYS D 239 -10.57 -56.07 -4.99
CA CYS D 239 -9.48 -56.96 -5.38
C CYS D 239 -9.99 -58.14 -6.16
N ALA D 240 -11.14 -58.69 -5.75
CA ALA D 240 -11.75 -59.78 -6.51
C ALA D 240 -12.15 -59.33 -7.90
N ILE D 241 -12.78 -58.14 -7.99
CA ILE D 241 -13.15 -57.59 -9.28
C ILE D 241 -11.93 -57.48 -10.18
N ALA D 242 -10.88 -56.84 -9.65
CA ALA D 242 -9.64 -56.67 -10.41
C ALA D 242 -9.08 -58.02 -10.87
N HIS D 243 -9.15 -59.03 -10.01
CA HIS D 243 -8.69 -60.36 -10.38
C HIS D 243 -9.48 -60.90 -11.57
N GLU D 244 -10.81 -60.83 -11.49
CA GLU D 244 -11.63 -61.29 -12.61
C GLU D 244 -11.34 -60.50 -13.88
N ARG D 245 -10.89 -59.26 -13.74
CA ARG D 245 -10.56 -58.46 -14.92
C ARG D 245 -9.24 -58.90 -15.53
N VAL D 246 -8.15 -58.88 -14.75
CA VAL D 246 -6.83 -59.21 -15.30
C VAL D 246 -6.84 -60.63 -15.85
N ASN D 247 -7.57 -61.54 -15.19
CA ASN D 247 -7.75 -62.89 -15.72
C ASN D 247 -8.32 -62.75 -17.11
#